data_4CP5
#
_entry.id   4CP5
#
_cell.length_a   70.008
_cell.length_b   105.790
_cell.length_c   70.576
_cell.angle_alpha   90.00
_cell.angle_beta   117.23
_cell.angle_gamma   90.00
#
_symmetry.space_group_name_H-M   'P 1 21 1'
#
loop_
_entity.id
_entity.type
_entity.pdbx_description
1 polymer 'NUCLEOSIDE DIPHOSPHATE KINASE, CYTOSOLIC'
2 non-polymer '[[(2R)-1-(6-aminopurin-9-yl)propan-2-yl]oxymethyl-sulfanyl-phosphoryl] phosphono hydrogen phosphate'
3 water water
#
_entity_poly.entity_id   1
_entity_poly.type   'polypeptide(L)'
_entity_poly.pdbx_seq_one_letter_code
;MSTNKVNKERTFLAVKPDGVARGLVGEIIARYEKKGFVLVGLKQLVPTKDLAESHYAEHKERPFFGGLVSFITSGPVVAM
VFEGKGVVASARLMIGVTNPLASAPGSIRGDFGVDVGRNIIGGSDSVESANREIALWFKPEELLTEVKPNPNLYE
;
_entity_poly.pdbx_strand_id   A,B,C,D,E,F
#
# COMPACT_ATOMS: atom_id res chain seq x y z
N LYS A 5 1.79 13.16 32.10
CA LYS A 5 1.72 12.68 30.74
C LYS A 5 1.16 13.85 30.06
N VAL A 6 1.86 14.44 29.10
CA VAL A 6 3.04 13.95 28.43
C VAL A 6 2.64 13.03 27.31
N ASN A 7 2.27 11.81 27.62
CA ASN A 7 1.67 10.98 26.58
C ASN A 7 0.18 11.31 26.35
N LYS A 8 -0.38 12.24 27.15
CA LYS A 8 -1.78 12.67 27.08
C LYS A 8 -1.92 13.98 26.27
N GLU A 9 -0.81 14.43 25.62
CA GLU A 9 -0.81 15.64 24.78
C GLU A 9 -1.81 15.44 23.62
N ARG A 10 -2.48 16.52 23.22
CA ARG A 10 -3.50 16.48 22.17
C ARG A 10 -3.29 17.51 21.12
N THR A 11 -3.64 17.18 19.87
CA THR A 11 -3.57 18.12 18.77
C THR A 11 -4.85 18.11 17.99
N PHE A 12 -5.19 19.25 17.38
CA PHE A 12 -6.33 19.37 16.51
C PHE A 12 -5.84 19.29 15.05
N LEU A 13 -6.51 18.49 14.24
CA LEU A 13 -6.21 18.34 12.81
C LEU A 13 -7.49 18.51 12.03
N ALA A 14 -7.42 19.22 10.89
CA ALA A 14 -8.56 19.39 10.01
C ALA A 14 -8.21 18.99 8.58
N VAL A 15 -8.94 18.01 8.04
CA VAL A 15 -8.78 17.64 6.62
C VAL A 15 -9.68 18.67 5.93
N LYS A 16 -9.06 19.56 5.20
CA LYS A 16 -9.71 20.70 4.56
C LYS A 16 -10.62 20.26 3.40
N PRO A 17 -11.52 21.15 2.88
CA PRO A 17 -12.43 20.72 1.81
C PRO A 17 -11.76 20.06 0.60
N ASP A 18 -10.53 20.48 0.27
CA ASP A 18 -9.81 19.90 -0.86
C ASP A 18 -9.36 18.46 -0.57
N GLY A 19 -8.99 18.17 0.67
CA GLY A 19 -8.56 16.85 1.11
C GLY A 19 -9.73 15.87 1.22
N VAL A 20 -10.91 16.37 1.58
CA VAL A 20 -12.16 15.60 1.63
C VAL A 20 -12.63 15.33 0.16
N ALA A 21 -12.72 16.37 -0.68
CA ALA A 21 -13.13 16.26 -2.11
C ALA A 21 -12.26 15.29 -2.93
N ARG A 22 -10.97 15.20 -2.61
CA ARG A 22 -9.99 14.33 -3.28
C ARG A 22 -9.97 12.91 -2.70
N GLY A 23 -10.79 12.67 -1.67
CA GLY A 23 -10.93 11.36 -1.04
C GLY A 23 -9.71 10.89 -0.29
N LEU A 24 -9.07 11.80 0.47
CA LEU A 24 -7.86 11.51 1.21
C LEU A 24 -8.05 11.29 2.72
N VAL A 25 -9.32 11.30 3.20
CA VAL A 25 -9.62 11.19 4.65
C VAL A 25 -9.06 9.90 5.30
N GLY A 26 -9.34 8.72 4.74
CA GLY A 26 -8.87 7.46 5.30
C GLY A 26 -7.37 7.36 5.26
N GLU A 27 -6.78 7.71 4.10
CA GLU A 27 -5.32 7.76 3.91
C GLU A 27 -4.64 8.52 5.09
N ILE A 28 -5.16 9.72 5.38
CA ILE A 28 -4.69 10.61 6.44
C ILE A 28 -4.88 10.02 7.85
N ILE A 29 -6.08 9.47 8.14
CA ILE A 29 -6.34 8.86 9.45
C ILE A 29 -5.42 7.63 9.70
N ALA A 30 -5.20 6.80 8.66
CA ALA A 30 -4.36 5.61 8.67
C ALA A 30 -2.93 5.95 9.09
N ARG A 31 -2.37 7.04 8.51
CA ARG A 31 -1.02 7.53 8.84
C ARG A 31 -0.88 7.84 10.34
N TYR A 32 -1.86 8.53 10.93
CA TYR A 32 -1.77 8.86 12.39
C TYR A 32 -2.02 7.65 13.26
N GLU A 33 -2.89 6.72 12.82
CA GLU A 33 -3.17 5.46 13.51
C GLU A 33 -1.95 4.54 13.54
N LYS A 34 -1.23 4.38 12.38
CA LYS A 34 -0.01 3.59 12.21
C LYS A 34 1.11 4.07 13.15
N LYS A 35 1.20 5.37 13.31
CA LYS A 35 2.17 6.09 14.14
C LYS A 35 2.03 5.73 15.62
N GLY A 36 0.80 5.46 16.06
CA GLY A 36 0.51 5.14 17.45
C GLY A 36 -0.28 6.22 18.17
N PHE A 37 -0.69 7.27 17.42
CA PHE A 37 -1.51 8.32 18.00
C PHE A 37 -2.94 7.82 18.07
N VAL A 38 -3.60 8.08 19.21
CA VAL A 38 -4.97 7.65 19.49
C VAL A 38 -6.00 8.72 19.07
N LEU A 39 -6.97 8.35 18.25
CA LEU A 39 -8.04 9.24 17.82
C LEU A 39 -9.01 9.44 19.02
N VAL A 40 -9.09 10.66 19.56
CA VAL A 40 -9.94 10.93 20.72
C VAL A 40 -11.19 11.76 20.32
N GLY A 41 -11.22 12.23 19.07
CA GLY A 41 -12.32 13.01 18.55
C GLY A 41 -12.35 12.95 17.05
N LEU A 42 -13.56 12.79 16.47
CA LEU A 42 -13.71 12.73 15.03
C LEU A 42 -15.09 13.14 14.60
N LYS A 43 -15.17 13.99 13.55
CA LYS A 43 -16.45 14.43 12.96
C LYS A 43 -16.30 15.05 11.60
N GLN A 44 -17.33 14.90 10.77
CA GLN A 44 -17.42 15.61 9.49
C GLN A 44 -18.48 16.72 9.66
N LEU A 45 -18.17 17.92 9.15
CA LEU A 45 -19.05 19.10 9.24
C LEU A 45 -18.70 20.10 8.16
N VAL A 46 -19.61 21.03 7.86
CA VAL A 46 -19.35 22.17 6.98
C VAL A 46 -19.16 23.34 7.98
N PRO A 47 -17.93 23.88 8.13
CA PRO A 47 -17.71 24.93 9.14
C PRO A 47 -18.42 26.24 8.85
N THR A 48 -18.86 26.91 9.93
CA THR A 48 -19.51 28.22 9.86
C THR A 48 -18.42 29.29 9.76
N LYS A 49 -18.78 30.48 9.21
CA LYS A 49 -17.90 31.65 9.11
C LYS A 49 -17.35 32.05 10.50
N ASP A 50 -18.20 31.90 11.52
CA ASP A 50 -17.97 32.14 12.95
C ASP A 50 -16.74 31.31 13.43
N LEU A 51 -16.84 29.97 13.24
CA LEU A 51 -15.87 28.96 13.61
C LEU A 51 -14.60 29.17 12.83
N ALA A 52 -14.72 29.38 11.52
CA ALA A 52 -13.57 29.59 10.65
C ALA A 52 -12.73 30.82 11.05
N GLU A 53 -13.40 31.99 11.27
CA GLU A 53 -12.70 33.22 11.69
C GLU A 53 -11.99 33.03 13.02
N SER A 54 -12.68 32.38 14.00
CA SER A 54 -12.11 32.06 15.31
CA SER A 54 -12.10 32.08 15.30
C SER A 54 -10.90 31.10 15.17
N HIS A 55 -11.01 30.11 14.27
CA HIS A 55 -9.96 29.11 14.00
C HIS A 55 -8.72 29.79 13.42
N TYR A 56 -8.91 30.65 12.41
CA TYR A 56 -7.84 31.36 11.71
C TYR A 56 -7.47 32.73 12.33
N ALA A 57 -7.88 33.00 13.61
CA ALA A 57 -7.65 34.27 14.32
C ALA A 57 -6.19 34.80 14.28
N GLU A 58 -5.17 33.93 14.41
CA GLU A 58 -3.76 34.36 14.38
C GLU A 58 -3.37 35.10 13.08
N HIS A 59 -4.16 34.93 12.00
CA HIS A 59 -3.89 35.58 10.72
C HIS A 59 -4.95 36.65 10.37
N LYS A 60 -5.83 37.02 11.35
CA LYS A 60 -6.92 37.99 11.16
C LYS A 60 -6.50 39.34 10.56
N GLU A 61 -5.20 39.71 10.64
CA GLU A 61 -4.69 40.98 10.08
C GLU A 61 -3.97 40.83 8.74
N ARG A 62 -3.77 39.57 8.29
CA ARG A 62 -3.06 39.22 7.05
C ARG A 62 -3.98 39.31 5.83
N PRO A 63 -3.46 39.62 4.62
CA PRO A 63 -4.36 39.79 3.46
C PRO A 63 -5.09 38.52 2.98
N PHE A 64 -4.48 37.35 3.24
CA PHE A 64 -5.00 36.03 2.87
C PHE A 64 -6.07 35.46 3.84
N PHE A 65 -6.31 36.13 5.01
CA PHE A 65 -7.28 35.69 6.02
C PHE A 65 -8.67 35.37 5.43
N GLY A 66 -9.22 36.29 4.63
CA GLY A 66 -10.53 36.12 4.01
C GLY A 66 -10.61 34.87 3.15
N GLY A 67 -9.59 34.68 2.31
CA GLY A 67 -9.44 33.51 1.43
C GLY A 67 -9.41 32.20 2.18
N LEU A 68 -8.72 32.15 3.35
CA LEU A 68 -8.63 30.96 4.20
C LEU A 68 -10.00 30.62 4.78
N VAL A 69 -10.71 31.66 5.17
CA VAL A 69 -12.03 31.62 5.77
C VAL A 69 -13.09 31.19 4.72
N SER A 70 -12.98 31.72 3.51
CA SER A 70 -13.89 31.38 2.41
C SER A 70 -13.75 29.90 2.02
N PHE A 71 -12.50 29.43 1.87
CA PHE A 71 -12.21 28.06 1.47
C PHE A 71 -12.60 27.02 2.52
N ILE A 72 -12.29 27.21 3.80
CA ILE A 72 -12.59 26.20 4.82
C ILE A 72 -14.12 26.04 5.03
N THR A 73 -14.92 27.02 4.58
CA THR A 73 -16.40 27.00 4.71
C THR A 73 -17.10 26.51 3.42
N SER A 74 -16.32 26.36 2.32
CA SER A 74 -16.81 26.00 0.98
C SER A 74 -17.29 24.56 0.81
N GLY A 75 -17.05 23.70 1.80
CA GLY A 75 -17.44 22.29 1.72
C GLY A 75 -17.15 21.51 2.98
N PRO A 76 -17.47 20.20 3.03
CA PRO A 76 -17.20 19.42 4.25
C PRO A 76 -15.72 19.31 4.63
N VAL A 77 -15.49 19.33 5.95
CA VAL A 77 -14.21 19.26 6.61
C VAL A 77 -14.29 18.08 7.58
N VAL A 78 -13.20 17.30 7.71
CA VAL A 78 -13.13 16.20 8.67
C VAL A 78 -12.19 16.68 9.80
N ALA A 79 -12.80 16.94 10.97
CA ALA A 79 -12.15 17.47 12.15
C ALA A 79 -11.79 16.34 13.04
N MET A 80 -10.53 16.32 13.51
CA MET A 80 -10.08 15.26 14.40
C MET A 80 -9.11 15.73 15.47
N VAL A 81 -9.04 14.96 16.53
CA VAL A 81 -8.17 15.18 17.66
C VAL A 81 -7.43 13.89 17.93
N PHE A 82 -6.10 13.95 17.95
CA PHE A 82 -5.22 12.83 18.24
C PHE A 82 -4.45 13.05 19.54
N GLU A 83 -4.23 11.96 20.29
CA GLU A 83 -3.53 11.99 21.56
C GLU A 83 -2.28 11.14 21.52
N GLY A 84 -1.19 11.68 22.05
CA GLY A 84 0.09 11.00 22.16
C GLY A 84 1.21 11.91 22.60
N LYS A 85 2.36 11.32 22.94
CA LYS A 85 3.57 12.05 23.31
C LYS A 85 4.03 12.85 22.08
N GLY A 86 4.21 14.17 22.28
CA GLY A 86 4.68 15.11 21.26
C GLY A 86 3.86 15.14 19.99
N VAL A 87 2.57 14.81 20.11
CA VAL A 87 1.61 14.73 18.99
C VAL A 87 1.49 16.05 18.20
N VAL A 88 1.59 17.22 18.85
CA VAL A 88 1.49 18.54 18.19
C VAL A 88 2.60 18.73 17.13
N ALA A 89 3.88 18.60 17.56
CA ALA A 89 5.05 18.77 16.70
C ALA A 89 5.20 17.64 15.67
N SER A 90 4.84 16.41 16.07
CA SER A 90 4.92 15.21 15.25
C SER A 90 3.91 15.26 14.14
N ALA A 91 2.62 15.55 14.47
CA ALA A 91 1.55 15.75 13.47
C ALA A 91 1.96 16.74 12.37
N ARG A 92 2.61 17.86 12.75
CA ARG A 92 3.10 18.89 11.84
C ARG A 92 4.19 18.43 10.88
N LEU A 93 5.16 17.66 11.40
CA LEU A 93 6.26 17.04 10.68
C LEU A 93 5.66 16.03 9.64
N MET A 94 4.61 15.29 10.07
CA MET A 94 3.88 14.33 9.23
C MET A 94 3.13 15.00 8.05
N ILE A 95 2.64 16.25 8.28
CA ILE A 95 1.94 17.07 7.29
C ILE A 95 2.93 17.63 6.24
N GLY A 96 4.05 18.18 6.72
CA GLY A 96 5.08 18.81 5.87
C GLY A 96 5.18 20.29 6.14
N VAL A 97 5.46 21.09 5.10
CA VAL A 97 5.63 22.55 5.27
C VAL A 97 4.49 23.31 4.57
N THR A 98 4.38 24.63 4.77
CA THR A 98 3.35 25.47 4.16
C THR A 98 3.19 25.20 2.64
N ASN A 99 4.30 25.25 1.89
CA ASN A 99 4.29 24.97 0.45
C ASN A 99 4.40 23.45 0.24
N PRO A 100 3.37 22.81 -0.32
CA PRO A 100 3.42 21.36 -0.55
C PRO A 100 4.50 20.93 -1.52
N LEU A 101 4.94 21.85 -2.41
CA LEU A 101 6.00 21.57 -3.38
C LEU A 101 7.37 21.47 -2.72
N ALA A 102 7.53 22.15 -1.57
CA ALA A 102 8.76 22.15 -0.76
C ALA A 102 8.72 21.05 0.34
N SER A 103 7.51 20.47 0.61
CA SER A 103 7.32 19.40 1.59
C SER A 103 7.95 18.11 1.11
N ALA A 104 8.64 17.40 2.03
CA ALA A 104 9.38 16.19 1.73
C ALA A 104 8.52 15.01 1.35
N PRO A 105 8.95 14.20 0.34
CA PRO A 105 8.24 12.93 0.06
C PRO A 105 8.12 12.09 1.35
N GLY A 106 6.98 11.46 1.57
CA GLY A 106 6.73 10.74 2.81
C GLY A 106 5.78 11.52 3.71
N SER A 107 5.72 12.86 3.54
CA SER A 107 4.74 13.68 4.28
C SER A 107 3.43 13.81 3.50
N ILE A 108 2.30 14.12 4.19
CA ILE A 108 0.97 14.26 3.53
C ILE A 108 1.01 15.28 2.37
N ARG A 109 1.50 16.53 2.61
CA ARG A 109 1.60 17.58 1.56
C ARG A 109 2.67 17.23 0.53
N GLY A 110 3.72 16.55 0.96
CA GLY A 110 4.83 16.14 0.12
C GLY A 110 4.41 15.15 -0.95
N ASP A 111 3.55 14.23 -0.53
CA ASP A 111 2.97 13.16 -1.34
C ASP A 111 1.74 13.59 -2.14
N PHE A 112 0.90 14.53 -1.63
CA PHE A 112 -0.35 14.81 -2.35
C PHE A 112 -0.65 16.25 -2.80
N GLY A 113 0.11 17.23 -2.34
CA GLY A 113 -0.19 18.63 -2.66
C GLY A 113 0.76 19.34 -3.60
N VAL A 114 0.23 20.34 -4.35
CA VAL A 114 0.99 21.19 -5.29
C VAL A 114 0.84 22.70 -4.98
N ASP A 115 -0.22 23.10 -4.26
CA ASP A 115 -0.51 24.51 -4.02
C ASP A 115 -0.74 24.83 -2.56
N VAL A 116 -0.23 26.00 -2.13
CA VAL A 116 -0.36 26.53 -0.78
C VAL A 116 -1.84 26.65 -0.39
N GLY A 117 -2.69 27.13 -1.31
CA GLY A 117 -4.13 27.29 -1.10
C GLY A 117 -4.93 25.99 -1.06
N ARG A 118 -4.34 24.90 -1.60
CA ARG A 118 -4.95 23.57 -1.64
C ARG A 118 -3.96 22.60 -0.99
N ASN A 119 -3.68 22.81 0.31
CA ASN A 119 -2.67 22.06 1.03
C ASN A 119 -3.24 20.98 1.98
N ILE A 120 -4.44 20.45 1.63
CA ILE A 120 -5.11 19.26 2.13
C ILE A 120 -5.50 19.25 3.62
N ILE A 121 -4.54 19.49 4.49
CA ILE A 121 -4.69 19.34 5.94
C ILE A 121 -3.99 20.46 6.69
N GLY A 122 -4.54 20.79 7.84
CA GLY A 122 -3.99 21.78 8.76
C GLY A 122 -3.93 21.21 10.15
N GLY A 123 -2.87 21.52 10.89
CA GLY A 123 -2.69 21.07 12.26
C GLY A 123 -2.31 22.21 13.19
N SER A 124 -2.56 22.04 14.51
CA SER A 124 -2.20 23.02 15.56
C SER A 124 -0.67 23.28 15.57
N ASP A 125 -0.24 24.57 15.70
CA ASP A 125 1.18 24.89 15.72
C ASP A 125 1.85 24.78 17.12
N SER A 126 1.04 24.69 18.19
CA SER A 126 1.52 24.59 19.56
C SER A 126 0.49 23.94 20.46
N VAL A 127 0.92 23.52 21.66
CA VAL A 127 0.06 22.94 22.70
C VAL A 127 -1.05 23.95 23.07
N GLU A 128 -0.70 25.27 23.19
CA GLU A 128 -1.66 26.33 23.51
CA GLU A 128 -1.67 26.31 23.51
C GLU A 128 -2.70 26.49 22.40
N SER A 129 -2.24 26.51 21.09
CA SER A 129 -3.13 26.61 19.93
CA SER A 129 -3.14 26.61 19.94
C SER A 129 -4.05 25.38 19.84
N ALA A 130 -3.49 24.17 20.15
CA ALA A 130 -4.22 22.91 20.14
C ALA A 130 -5.37 22.92 21.16
N ASN A 131 -5.08 23.25 22.43
CA ASN A 131 -6.10 23.31 23.48
C ASN A 131 -7.23 24.28 23.17
N ARG A 132 -6.91 25.38 22.49
CA ARG A 132 -7.87 26.39 22.07
C ARG A 132 -8.69 25.85 20.91
N GLU A 133 -8.00 25.30 19.85
CA GLU A 133 -8.66 24.73 18.66
C GLU A 133 -9.59 23.56 18.98
N ILE A 134 -9.17 22.65 19.89
CA ILE A 134 -9.95 21.49 20.33
C ILE A 134 -11.25 21.96 21.00
N ALA A 135 -11.17 22.95 21.90
CA ALA A 135 -12.33 23.49 22.61
C ALA A 135 -13.31 24.20 21.67
N LEU A 136 -12.78 24.81 20.62
CA LEU A 136 -13.51 25.53 19.59
C LEU A 136 -14.29 24.60 18.64
N TRP A 137 -13.66 23.48 18.20
CA TRP A 137 -14.32 22.55 17.26
C TRP A 137 -15.10 21.44 17.94
N PHE A 138 -14.69 21.03 19.15
CA PHE A 138 -15.32 19.92 19.87
C PHE A 138 -15.90 20.27 21.26
N LYS A 139 -16.98 19.59 21.62
CA LYS A 139 -17.66 19.68 22.90
C LYS A 139 -17.03 18.61 23.77
N PRO A 140 -16.95 18.79 25.13
CA PRO A 140 -16.32 17.75 25.97
C PRO A 140 -16.86 16.32 25.79
N GLU A 141 -18.14 16.19 25.47
CA GLU A 141 -18.86 14.92 25.28
C GLU A 141 -18.37 14.19 24.00
N GLU A 142 -17.97 14.97 22.98
CA GLU A 142 -17.44 14.49 21.69
C GLU A 142 -15.98 13.95 21.80
N LEU A 143 -15.33 14.09 22.98
CA LEU A 143 -13.95 13.64 23.19
C LEU A 143 -13.83 12.48 24.17
N LEU A 144 -12.95 11.51 23.86
CA LEU A 144 -12.71 10.38 24.75
C LEU A 144 -12.03 10.81 26.05
N THR A 145 -12.42 10.19 27.16
CA THR A 145 -11.83 10.51 28.46
C THR A 145 -10.97 9.34 28.92
N GLU A 146 -11.45 8.11 28.62
CA GLU A 146 -10.77 6.88 28.97
C GLU A 146 -9.83 6.48 27.82
N VAL A 147 -8.51 6.76 28.00
CA VAL A 147 -7.48 6.40 27.01
C VAL A 147 -6.42 5.51 27.69
N LYS A 148 -6.54 4.20 27.49
CA LYS A 148 -5.62 3.22 28.06
C LYS A 148 -4.31 3.20 27.25
N PRO A 149 -3.14 3.42 27.91
CA PRO A 149 -1.88 3.45 27.16
C PRO A 149 -1.44 2.09 26.61
N ASN A 150 -1.06 2.08 25.31
CA ASN A 150 -0.59 0.87 24.62
C ASN A 150 0.83 0.54 25.10
N PRO A 151 1.03 -0.66 25.74
CA PRO A 151 2.38 -1.02 26.24
C PRO A 151 3.39 -1.33 25.12
N ASN A 152 2.89 -1.44 23.87
CA ASN A 152 3.71 -1.65 22.70
C ASN A 152 4.21 -0.32 22.14
N LEU A 153 3.56 0.78 22.49
CA LEU A 153 3.95 2.10 22.02
C LEU A 153 4.65 2.94 23.06
N TYR A 154 4.32 2.71 24.35
CA TYR A 154 4.91 3.44 25.48
C TYR A 154 5.57 2.54 26.49
N GLU A 155 6.81 2.92 26.88
CA GLU A 155 7.64 2.25 27.88
C GLU A 155 7.05 2.47 29.29
N LYS B 5 0.29 29.99 -18.09
CA LYS B 5 0.09 29.96 -16.65
C LYS B 5 1.35 29.45 -15.99
N VAL B 6 1.34 29.38 -14.67
CA VAL B 6 2.51 28.86 -13.95
C VAL B 6 2.31 27.34 -13.67
N ASN B 7 1.02 26.92 -13.68
CA ASN B 7 0.53 25.57 -13.47
C ASN B 7 0.64 24.71 -14.73
N LYS B 8 1.10 25.28 -15.84
CA LYS B 8 1.27 24.63 -17.14
C LYS B 8 2.71 24.20 -17.37
N GLU B 9 3.57 24.32 -16.33
CA GLU B 9 4.97 23.88 -16.39
C GLU B 9 5.03 22.35 -16.67
N ARG B 10 6.02 21.92 -17.47
CA ARG B 10 6.17 20.53 -17.84
C ARG B 10 7.56 19.98 -17.55
N THR B 11 7.64 18.70 -17.21
CA THR B 11 8.91 18.03 -17.00
C THR B 11 8.95 16.71 -17.77
N PHE B 12 10.15 16.31 -18.18
CA PHE B 12 10.35 15.03 -18.83
C PHE B 12 10.87 14.05 -17.79
N LEU B 13 10.30 12.85 -17.73
CA LEU B 13 10.72 11.78 -16.82
C LEU B 13 10.91 10.52 -17.61
N ALA B 14 11.94 9.75 -17.29
CA ALA B 14 12.20 8.48 -17.95
C ALA B 14 12.39 7.39 -16.91
N VAL B 15 11.58 6.34 -16.98
CA VAL B 15 11.77 5.15 -16.13
C VAL B 15 12.77 4.36 -16.94
N LYS B 16 13.98 4.25 -16.41
CA LYS B 16 15.13 3.62 -17.08
C LYS B 16 14.96 2.11 -17.22
N PRO B 17 15.77 1.40 -18.08
CA PRO B 17 15.58 -0.06 -18.23
C PRO B 17 15.53 -0.87 -16.93
N ASP B 18 16.27 -0.44 -15.91
CA ASP B 18 16.29 -1.12 -14.62
C ASP B 18 14.97 -0.97 -13.86
N GLY B 19 14.31 0.19 -13.95
CA GLY B 19 13.03 0.46 -13.31
C GLY B 19 11.89 -0.31 -13.97
N VAL B 20 11.96 -0.39 -15.33
CA VAL B 20 11.02 -1.13 -16.16
C VAL B 20 11.14 -2.64 -15.83
N ALA B 21 12.38 -3.20 -15.91
CA ALA B 21 12.69 -4.61 -15.63
C ALA B 21 12.26 -5.06 -14.24
N ARG B 22 12.37 -4.17 -13.25
CA ARG B 22 12.00 -4.44 -11.85
C ARG B 22 10.49 -4.26 -11.58
N GLY B 23 9.73 -3.84 -12.60
CA GLY B 23 8.28 -3.66 -12.53
C GLY B 23 7.85 -2.52 -11.63
N LEU B 24 8.53 -1.38 -11.79
CA LEU B 24 8.28 -0.18 -10.98
C LEU B 24 7.51 0.93 -11.72
N VAL B 25 7.09 0.70 -13.00
CA VAL B 25 6.41 1.70 -13.85
C VAL B 25 5.11 2.25 -13.20
N GLY B 26 4.20 1.37 -12.81
CA GLY B 26 2.95 1.74 -12.15
C GLY B 26 3.14 2.46 -10.83
N GLU B 27 4.05 1.93 -9.97
CA GLU B 27 4.45 2.50 -8.67
C GLU B 27 4.86 3.97 -8.83
N ILE B 28 5.70 4.24 -9.84
CA ILE B 28 6.22 5.54 -10.19
C ILE B 28 5.13 6.47 -10.74
N ILE B 29 4.36 6.02 -11.75
CA ILE B 29 3.25 6.81 -12.31
C ILE B 29 2.26 7.19 -11.20
N ALA B 30 1.93 6.23 -10.33
CA ALA B 30 0.96 6.43 -9.25
C ALA B 30 1.37 7.50 -8.26
N ARG B 31 2.70 7.63 -7.98
CA ARG B 31 3.29 8.67 -7.11
C ARG B 31 3.08 10.09 -7.69
N TYR B 32 3.30 10.28 -9.02
CA TYR B 32 3.11 11.57 -9.65
C TYR B 32 1.63 11.92 -9.81
N GLU B 33 0.77 10.92 -10.05
CA GLU B 33 -0.67 11.09 -10.15
C GLU B 33 -1.26 11.49 -8.77
N LYS B 34 -0.84 10.87 -7.66
CA LYS B 34 -1.30 11.18 -6.29
C LYS B 34 -0.92 12.62 -5.90
N LYS B 35 0.21 13.10 -6.42
CA LYS B 35 0.74 14.41 -6.15
C LYS B 35 -0.14 15.49 -6.74
N GLY B 36 -0.78 15.20 -7.86
CA GLY B 36 -1.64 16.12 -8.57
C GLY B 36 -1.08 16.53 -9.93
N PHE B 37 0.06 15.98 -10.31
CA PHE B 37 0.64 16.28 -11.63
C PHE B 37 -0.11 15.49 -12.68
N VAL B 38 -0.40 16.16 -13.82
CA VAL B 38 -1.17 15.58 -14.93
C VAL B 38 -0.25 14.96 -16.00
N LEU B 39 -0.53 13.71 -16.37
CA LEU B 39 0.24 13.01 -17.41
C LEU B 39 -0.16 13.56 -18.78
N VAL B 40 0.77 14.23 -19.49
CA VAL B 40 0.43 14.82 -20.80
C VAL B 40 1.10 14.07 -21.95
N GLY B 41 1.94 13.10 -21.63
CA GLY B 41 2.63 12.30 -22.62
C GLY B 41 3.12 11.03 -21.99
N LEU B 42 2.98 9.91 -22.71
CA LEU B 42 3.39 8.61 -22.20
C LEU B 42 3.67 7.62 -23.32
N LYS B 43 4.79 6.90 -23.23
CA LYS B 43 5.15 5.88 -24.20
C LYS B 43 6.24 4.97 -23.70
N GLN B 44 6.21 3.71 -24.16
CA GLN B 44 7.27 2.75 -23.95
C GLN B 44 8.03 2.61 -25.29
N LEU B 45 9.37 2.60 -25.23
CA LEU B 45 10.24 2.48 -26.39
C LEU B 45 11.60 1.99 -25.96
N VAL B 46 12.38 1.44 -26.93
CA VAL B 46 13.77 1.05 -26.73
C VAL B 46 14.54 2.21 -27.37
N PRO B 47 15.23 3.08 -26.57
CA PRO B 47 15.89 4.25 -27.17
C PRO B 47 17.02 3.93 -28.11
N THR B 48 17.18 4.74 -29.16
CA THR B 48 18.27 4.61 -30.13
C THR B 48 19.51 5.31 -29.56
N LYS B 49 20.70 4.98 -30.09
CA LYS B 49 21.97 5.59 -29.68
C LYS B 49 21.91 7.12 -29.79
N ASP B 50 21.30 7.63 -30.87
CA ASP B 50 21.18 9.08 -31.11
C ASP B 50 20.33 9.76 -30.04
N LEU B 51 19.14 9.22 -29.74
CA LEU B 51 18.25 9.73 -28.70
C LEU B 51 19.01 9.77 -27.33
N ALA B 52 19.66 8.63 -26.94
CA ALA B 52 20.49 8.51 -25.74
C ALA B 52 21.64 9.56 -25.67
N GLU B 53 22.43 9.71 -26.78
CA GLU B 53 23.55 10.64 -26.86
C GLU B 53 23.11 12.11 -26.77
N SER B 54 21.99 12.49 -27.46
CA SER B 54 21.43 13.84 -27.41
CA SER B 54 21.43 13.84 -27.41
C SER B 54 20.82 14.11 -26.03
N HIS B 55 20.15 13.09 -25.42
CA HIS B 55 19.51 13.18 -24.10
C HIS B 55 20.52 13.51 -23.01
N TYR B 56 21.63 12.72 -22.87
CA TYR B 56 22.70 12.91 -21.88
C TYR B 56 23.91 13.76 -22.39
N ALA B 57 23.72 14.68 -23.34
CA ALA B 57 24.76 15.57 -23.93
C ALA B 57 25.66 16.36 -22.92
N GLU B 58 25.19 16.61 -21.69
CA GLU B 58 26.03 17.29 -20.70
C GLU B 58 27.14 16.38 -20.13
N HIS B 59 26.99 15.06 -20.28
CA HIS B 59 28.00 14.14 -19.79
C HIS B 59 28.85 13.53 -20.94
N LYS B 60 28.74 14.10 -22.16
CA LYS B 60 29.41 13.63 -23.39
C LYS B 60 30.94 13.47 -23.27
N GLU B 61 31.60 14.36 -22.54
CA GLU B 61 33.07 14.36 -22.38
C GLU B 61 33.60 13.52 -21.17
N ARG B 62 32.69 13.01 -20.31
CA ARG B 62 33.08 12.28 -19.10
C ARG B 62 33.36 10.80 -19.38
N PRO B 63 34.23 10.10 -18.60
CA PRO B 63 34.55 8.70 -18.94
C PRO B 63 33.38 7.71 -19.00
N PHE B 64 32.38 7.85 -18.12
CA PHE B 64 31.21 6.97 -18.01
C PHE B 64 30.08 7.22 -19.04
N PHE B 65 30.26 8.18 -19.98
CA PHE B 65 29.25 8.52 -20.98
C PHE B 65 28.82 7.33 -21.85
N GLY B 66 29.80 6.48 -22.17
CA GLY B 66 29.61 5.30 -23.02
C GLY B 66 28.65 4.30 -22.43
N GLY B 67 28.86 4.01 -21.15
CA GLY B 67 28.07 3.09 -20.33
C GLY B 67 26.64 3.55 -20.11
N LEU B 68 26.44 4.87 -19.98
CA LEU B 68 25.14 5.54 -19.79
C LEU B 68 24.30 5.33 -21.02
N VAL B 69 24.91 5.57 -22.19
CA VAL B 69 24.33 5.41 -23.51
C VAL B 69 23.96 3.94 -23.75
N SER B 70 24.90 3.01 -23.44
CA SER B 70 24.71 1.56 -23.57
C SER B 70 23.58 1.07 -22.68
N PHE B 71 23.60 1.45 -21.38
CA PHE B 71 22.57 1.05 -20.46
C PHE B 71 21.15 1.62 -20.82
N ILE B 72 20.97 2.93 -21.11
CA ILE B 72 19.62 3.42 -21.44
C ILE B 72 19.07 2.78 -22.75
N THR B 73 19.93 2.50 -23.73
CA THR B 73 19.54 1.84 -24.98
C THR B 73 19.51 0.26 -24.84
N SER B 74 19.79 -0.31 -23.64
CA SER B 74 19.85 -1.76 -23.41
C SER B 74 18.50 -2.50 -23.27
N GLY B 75 17.41 -1.74 -23.11
CA GLY B 75 16.08 -2.30 -22.93
C GLY B 75 14.99 -1.26 -22.98
N PRO B 76 13.71 -1.66 -22.78
CA PRO B 76 12.63 -0.66 -22.83
C PRO B 76 12.69 0.37 -21.70
N VAL B 77 12.28 1.58 -22.07
CA VAL B 77 12.22 2.77 -21.24
C VAL B 77 10.78 3.28 -21.33
N VAL B 78 10.21 3.74 -20.20
CA VAL B 78 8.90 4.36 -20.18
C VAL B 78 9.15 5.86 -20.04
N ALA B 79 8.87 6.60 -21.13
CA ALA B 79 9.06 8.05 -21.26
C ALA B 79 7.77 8.72 -20.94
N MET B 80 7.82 9.72 -20.07
CA MET B 80 6.61 10.45 -19.71
C MET B 80 6.85 11.94 -19.51
N VAL B 81 5.77 12.70 -19.65
CA VAL B 81 5.74 14.15 -19.48
C VAL B 81 4.60 14.44 -18.52
N PHE B 82 4.92 15.13 -17.42
CA PHE B 82 3.94 15.55 -16.42
C PHE B 82 3.83 17.08 -16.41
N GLU B 83 2.60 17.58 -16.15
CA GLU B 83 2.33 19.00 -16.11
C GLU B 83 1.78 19.41 -14.72
N GLY B 84 2.28 20.53 -14.23
CA GLY B 84 1.85 21.11 -12.96
C GLY B 84 2.75 22.25 -12.51
N LYS B 85 2.30 22.98 -11.45
CA LYS B 85 3.07 24.05 -10.83
C LYS B 85 4.34 23.44 -10.21
N GLY B 86 5.50 24.00 -10.58
CA GLY B 86 6.83 23.62 -10.10
C GLY B 86 7.17 22.17 -10.28
N VAL B 87 6.59 21.52 -11.31
CA VAL B 87 6.72 20.10 -11.61
C VAL B 87 8.19 19.68 -11.82
N VAL B 88 9.04 20.55 -12.41
CA VAL B 88 10.46 20.23 -12.65
C VAL B 88 11.20 19.95 -11.33
N ALA B 89 11.21 20.92 -10.39
CA ALA B 89 11.89 20.79 -9.10
C ALA B 89 11.22 19.76 -8.18
N SER B 90 9.89 19.73 -8.21
CA SER B 90 9.11 18.80 -7.39
C SER B 90 9.35 17.34 -7.78
N ALA B 91 9.33 17.05 -9.09
CA ALA B 91 9.54 15.71 -9.61
C ALA B 91 10.90 15.18 -9.18
N ARG B 92 11.93 16.08 -9.16
CA ARG B 92 13.30 15.79 -8.77
C ARG B 92 13.43 15.45 -7.27
N LEU B 93 12.75 16.22 -6.42
CA LEU B 93 12.66 16.02 -4.97
C LEU B 93 12.03 14.63 -4.70
N MET B 94 10.98 14.31 -5.48
CA MET B 94 10.29 13.01 -5.40
C MET B 94 11.18 11.80 -5.77
N ILE B 95 12.14 12.01 -6.71
CA ILE B 95 13.11 11.00 -7.17
C ILE B 95 14.19 10.76 -6.08
N GLY B 96 14.74 11.85 -5.56
CA GLY B 96 15.81 11.81 -4.57
C GLY B 96 17.08 12.43 -5.12
N VAL B 97 18.25 11.89 -4.74
CA VAL B 97 19.55 12.42 -5.18
C VAL B 97 20.26 11.45 -6.11
N THR B 98 21.40 11.85 -6.72
CA THR B 98 22.15 11.00 -7.66
C THR B 98 22.42 9.59 -7.09
N ASN B 99 22.88 9.52 -5.83
CA ASN B 99 23.18 8.27 -5.15
C ASN B 99 21.93 7.83 -4.43
N PRO B 100 21.36 6.66 -4.83
CA PRO B 100 20.12 6.18 -4.19
C PRO B 100 20.30 5.84 -2.71
N LEU B 101 21.56 5.53 -2.28
CA LEU B 101 21.88 5.20 -0.91
C LEU B 101 21.82 6.43 0.01
N ALA B 102 22.01 7.63 -0.57
CA ALA B 102 21.94 8.93 0.12
C ALA B 102 20.56 9.57 -0.04
N SER B 103 19.72 9.00 -0.92
CA SER B 103 18.36 9.49 -1.14
C SER B 103 17.48 9.17 0.06
N ALA B 104 16.63 10.12 0.44
CA ALA B 104 15.82 9.97 1.65
C ALA B 104 14.71 8.91 1.51
N PRO B 105 14.40 8.16 2.62
CA PRO B 105 13.25 7.25 2.57
C PRO B 105 12.02 8.07 2.21
N GLY B 106 11.12 7.51 1.42
CA GLY B 106 9.95 8.24 0.91
C GLY B 106 10.15 8.67 -0.54
N SER B 107 11.41 8.80 -1.01
CA SER B 107 11.68 9.18 -2.40
C SER B 107 11.81 7.89 -3.23
N ILE B 108 11.64 7.96 -4.58
CA ILE B 108 11.74 6.78 -5.46
C ILE B 108 13.08 6.05 -5.27
N ARG B 109 14.23 6.77 -5.39
CA ARG B 109 15.57 6.17 -5.22
C ARG B 109 15.84 5.76 -3.75
N GLY B 110 15.32 6.53 -2.77
CA GLY B 110 15.41 6.24 -1.34
C GLY B 110 14.75 4.91 -1.00
N ASP B 111 13.59 4.67 -1.59
CA ASP B 111 12.86 3.45 -1.38
C ASP B 111 13.30 2.25 -2.20
N PHE B 112 13.84 2.45 -3.43
CA PHE B 112 14.08 1.29 -4.30
C PHE B 112 15.48 1.09 -4.88
N GLY B 113 16.37 2.08 -4.75
CA GLY B 113 17.70 1.97 -5.34
C GLY B 113 18.88 1.85 -4.39
N VAL B 114 19.95 1.21 -4.90
CA VAL B 114 21.22 1.00 -4.18
C VAL B 114 22.44 1.49 -4.98
N ASP B 115 22.33 1.62 -6.32
CA ASP B 115 23.47 1.97 -7.17
C ASP B 115 23.19 3.16 -8.07
N VAL B 116 24.20 4.04 -8.22
CA VAL B 116 24.18 5.22 -9.08
C VAL B 116 23.90 4.81 -10.55
N GLY B 117 24.46 3.69 -10.99
CA GLY B 117 24.24 3.21 -12.37
C GLY B 117 22.89 2.56 -12.61
N ARG B 118 22.21 2.16 -11.52
CA ARG B 118 20.88 1.54 -11.55
C ARG B 118 19.97 2.40 -10.64
N ASN B 119 19.76 3.65 -11.04
CA ASN B 119 19.02 4.58 -10.22
C ASN B 119 17.57 4.84 -10.70
N ILE B 120 16.96 3.82 -11.35
CA ILE B 120 15.55 3.62 -11.70
C ILE B 120 14.93 4.64 -12.65
N ILE B 121 15.05 5.93 -12.30
CA ILE B 121 14.36 7.02 -12.98
C ILE B 121 15.25 8.25 -13.11
N GLY B 122 15.00 9.04 -14.15
CA GLY B 122 15.70 10.29 -14.38
C GLY B 122 14.68 11.36 -14.73
N GLY B 123 14.90 12.57 -14.25
CA GLY B 123 14.05 13.72 -14.54
C GLY B 123 14.85 14.93 -15.00
N SER B 124 14.19 15.88 -15.69
CA SER B 124 14.78 17.13 -16.18
C SER B 124 15.30 17.96 -15.00
N ASP B 125 16.52 18.54 -15.13
CA ASP B 125 17.10 19.35 -14.05
C ASP B 125 16.61 20.81 -14.04
N SER B 126 16.03 21.28 -15.16
CA SER B 126 15.55 22.67 -15.29
C SER B 126 14.44 22.75 -16.32
N VAL B 127 13.75 23.91 -16.33
CA VAL B 127 12.67 24.19 -17.28
C VAL B 127 13.24 24.16 -18.73
N GLU B 128 14.45 24.73 -18.93
CA GLU B 128 15.15 24.76 -20.23
C GLU B 128 15.49 23.34 -20.69
N SER B 129 16.04 22.48 -19.76
CA SER B 129 16.38 21.08 -20.07
CA SER B 129 16.38 21.08 -20.07
C SER B 129 15.12 20.29 -20.38
N ALA B 130 14.01 20.55 -19.63
CA ALA B 130 12.71 19.90 -19.81
C ALA B 130 12.17 20.14 -21.20
N ASN B 131 12.09 21.41 -21.63
CA ASN B 131 11.56 21.78 -22.94
C ASN B 131 12.37 21.18 -24.11
N ARG B 132 13.67 21.03 -23.91
CA ARG B 132 14.57 20.40 -24.89
C ARG B 132 14.35 18.86 -24.89
N GLU B 133 14.33 18.23 -23.70
CA GLU B 133 14.10 16.78 -23.54
C GLU B 133 12.73 16.33 -24.06
N ILE B 134 11.66 17.11 -23.79
CA ILE B 134 10.29 16.84 -24.24
C ILE B 134 10.23 16.83 -25.77
N ALA B 135 10.87 17.81 -26.42
CA ALA B 135 10.88 17.93 -27.87
C ALA B 135 11.65 16.80 -28.55
N LEU B 136 12.64 16.27 -27.87
CA LEU B 136 13.50 15.19 -28.34
C LEU B 136 12.78 13.85 -28.29
N TRP B 137 12.15 13.55 -27.14
CA TRP B 137 11.48 12.27 -26.94
C TRP B 137 10.06 12.22 -27.50
N PHE B 138 9.36 13.36 -27.54
CA PHE B 138 7.97 13.39 -28.02
C PHE B 138 7.71 14.32 -29.21
N LYS B 139 6.75 13.92 -30.04
CA LYS B 139 6.25 14.69 -31.18
C LYS B 139 5.08 15.53 -30.63
N PRO B 140 4.82 16.75 -31.16
CA PRO B 140 3.69 17.55 -30.63
C PRO B 140 2.34 16.85 -30.56
N GLU B 141 2.10 15.91 -31.49
CA GLU B 141 0.86 15.11 -31.60
C GLU B 141 0.70 14.14 -30.41
N GLU B 142 1.84 13.67 -29.86
CA GLU B 142 1.92 12.72 -28.73
C GLU B 142 1.65 13.42 -27.37
N LEU B 143 1.49 14.76 -27.37
CA LEU B 143 1.27 15.54 -26.14
C LEU B 143 -0.12 16.16 -26.08
N LEU B 144 -0.74 16.11 -24.88
CA LEU B 144 -2.05 16.68 -24.64
C LEU B 144 -2.00 18.21 -24.75
N THR B 145 -3.05 18.80 -25.31
CA THR B 145 -3.17 20.25 -25.44
C THR B 145 -4.24 20.75 -24.49
N GLU B 146 -5.30 19.96 -24.35
CA GLU B 146 -6.46 20.25 -23.49
C GLU B 146 -6.21 19.74 -22.07
N VAL B 147 -5.81 20.66 -21.15
CA VAL B 147 -5.54 20.30 -19.75
C VAL B 147 -6.39 21.19 -18.84
N LYS B 148 -7.54 20.65 -18.38
CA LYS B 148 -8.44 21.39 -17.49
C LYS B 148 -7.87 21.37 -16.06
N PRO B 149 -7.65 22.55 -15.43
CA PRO B 149 -7.06 22.56 -14.08
C PRO B 149 -8.03 22.07 -13.00
N ASN B 150 -7.53 21.16 -12.12
CA ASN B 150 -8.31 20.60 -11.04
C ASN B 150 -8.55 21.66 -9.93
N PRO B 151 -9.81 22.02 -9.64
CA PRO B 151 -10.07 23.05 -8.60
C PRO B 151 -9.81 22.56 -7.17
N ASN B 152 -9.61 21.23 -7.02
CA ASN B 152 -9.27 20.56 -5.77
C ASN B 152 -7.76 20.70 -5.50
N LEU B 153 -6.94 20.82 -6.56
CA LEU B 153 -5.48 20.94 -6.49
C LEU B 153 -4.91 22.36 -6.63
N TYR B 154 -5.64 23.24 -7.35
CA TYR B 154 -5.24 24.62 -7.56
C TYR B 154 -6.28 25.60 -7.11
N GLU B 155 -5.84 26.66 -6.41
CA GLU B 155 -6.65 27.79 -5.93
C GLU B 155 -7.15 28.64 -7.14
N LYS C 5 32.67 -7.61 -3.21
CA LYS C 5 33.56 -6.88 -2.31
C LYS C 5 32.81 -5.77 -1.59
N VAL C 6 32.37 -4.77 -2.34
CA VAL C 6 31.64 -3.64 -1.78
C VAL C 6 30.12 -3.86 -1.68
N ASN C 7 29.57 -4.57 -2.62
CA ASN C 7 28.15 -4.96 -2.65
C ASN C 7 27.86 -6.16 -1.75
N LYS C 8 28.91 -6.70 -1.08
CA LYS C 8 28.76 -7.85 -0.21
C LYS C 8 28.65 -7.43 1.25
N GLU C 9 28.68 -6.12 1.51
CA GLU C 9 28.54 -5.57 2.86
C GLU C 9 27.25 -6.14 3.55
N ARG C 10 27.32 -6.39 4.83
CA ARG C 10 26.19 -6.96 5.57
C ARG C 10 25.88 -6.18 6.81
N THR C 11 24.59 -6.18 7.19
CA THR C 11 24.13 -5.53 8.41
C THR C 11 23.27 -6.46 9.22
N PHE C 12 23.19 -6.20 10.50
CA PHE C 12 22.34 -6.99 11.39
C PHE C 12 21.18 -6.07 11.79
N LEU C 13 19.96 -6.59 11.70
CA LEU C 13 18.76 -5.86 12.06
C LEU C 13 17.94 -6.72 13.00
N ALA C 14 17.38 -6.12 14.02
CA ALA C 14 16.50 -6.83 14.95
C ALA C 14 15.15 -6.11 15.06
N VAL C 15 14.05 -6.80 14.70
CA VAL C 15 12.72 -6.25 14.92
C VAL C 15 12.48 -6.62 16.40
N LYS C 16 12.48 -5.61 17.23
CA LYS C 16 12.37 -5.73 18.68
C LYS C 16 11.01 -6.26 19.13
N PRO C 17 10.85 -6.68 20.42
CA PRO C 17 9.56 -7.24 20.85
C PRO C 17 8.34 -6.38 20.55
N ASP C 18 8.49 -5.06 20.59
CA ASP C 18 7.40 -4.12 20.31
C ASP C 18 7.00 -4.14 18.84
N GLY C 19 7.97 -4.25 17.94
CA GLY C 19 7.77 -4.34 16.50
C GLY C 19 7.06 -5.61 16.10
N VAL C 20 7.47 -6.74 16.72
CA VAL C 20 6.88 -8.08 16.53
C VAL C 20 5.43 -8.07 17.05
N ALA C 21 5.22 -7.63 18.31
CA ALA C 21 3.90 -7.58 18.97
C ALA C 21 2.88 -6.72 18.20
N ARG C 22 3.34 -5.65 17.52
CA ARG C 22 2.50 -4.73 16.75
C ARG C 22 2.32 -5.23 15.33
N GLY C 23 2.85 -6.41 15.05
CA GLY C 23 2.76 -7.08 13.77
C GLY C 23 3.41 -6.33 12.63
N LEU C 24 4.62 -5.80 12.88
CA LEU C 24 5.31 -4.98 11.87
C LEU C 24 6.40 -5.66 11.08
N VAL C 25 6.61 -6.97 11.31
CA VAL C 25 7.66 -7.79 10.74
C VAL C 25 7.64 -7.78 9.24
N GLY C 26 6.47 -8.07 8.66
CA GLY C 26 6.24 -8.08 7.21
C GLY C 26 6.47 -6.74 6.52
N GLU C 27 5.93 -5.66 7.12
CA GLU C 27 6.13 -4.29 6.64
C GLU C 27 7.65 -3.97 6.53
N ILE C 28 8.38 -4.30 7.64
CA ILE C 28 9.80 -4.01 7.73
C ILE C 28 10.60 -4.81 6.67
N ILE C 29 10.37 -6.15 6.61
CA ILE C 29 11.08 -7.01 5.65
C ILE C 29 10.85 -6.49 4.21
N ALA C 30 9.56 -6.19 3.85
CA ALA C 30 9.18 -5.60 2.56
C ALA C 30 10.03 -4.36 2.20
N ARG C 31 10.18 -3.42 3.16
CA ARG C 31 10.95 -2.19 2.94
C ARG C 31 12.39 -2.45 2.47
N TYR C 32 13.07 -3.37 3.15
CA TYR C 32 14.43 -3.74 2.81
C TYR C 32 14.52 -4.53 1.49
N GLU C 33 13.52 -5.41 1.22
CA GLU C 33 13.41 -6.19 -0.02
C GLU C 33 13.17 -5.27 -1.23
N LYS C 34 12.27 -4.24 -1.07
CA LYS C 34 11.95 -3.25 -2.12
C LYS C 34 13.19 -2.47 -2.55
N LYS C 35 14.03 -2.16 -1.55
CA LYS C 35 15.26 -1.39 -1.69
C LYS C 35 16.27 -2.09 -2.59
N GLY C 36 16.30 -3.42 -2.50
CA GLY C 36 17.23 -4.23 -3.28
C GLY C 36 18.23 -4.96 -2.40
N PHE C 37 18.09 -4.84 -1.07
CA PHE C 37 18.96 -5.55 -0.14
C PHE C 37 18.49 -6.99 -0.05
N VAL C 38 19.46 -7.93 -0.06
CA VAL C 38 19.20 -9.37 -0.04
C VAL C 38 19.20 -9.92 1.38
N LEU C 39 18.13 -10.64 1.75
CA LEU C 39 18.03 -11.28 3.06
C LEU C 39 18.97 -12.54 3.05
N VAL C 40 20.00 -12.53 3.89
CA VAL C 40 20.96 -13.63 3.93
C VAL C 40 20.82 -14.44 5.22
N GLY C 41 19.99 -13.96 6.14
CA GLY C 41 19.75 -14.63 7.40
C GLY C 41 18.46 -14.16 8.01
N LEU C 42 17.68 -15.07 8.58
CA LEU C 42 16.39 -14.74 9.18
C LEU C 42 15.96 -15.75 10.21
N LYS C 43 15.48 -15.28 11.36
CA LYS C 43 14.95 -16.13 12.41
C LYS C 43 14.16 -15.40 13.44
N GLN C 44 13.18 -16.07 14.05
CA GLN C 44 12.47 -15.54 15.19
C GLN C 44 12.98 -16.32 16.42
N LEU C 45 13.20 -15.62 17.53
CA LEU C 45 13.68 -16.20 18.79
C LEU C 45 13.37 -15.28 19.96
N VAL C 46 13.39 -15.84 21.20
CA VAL C 46 13.27 -15.03 22.43
C VAL C 46 14.73 -14.95 22.91
N PRO C 47 15.38 -13.76 22.83
CA PRO C 47 16.80 -13.69 23.23
C PRO C 47 17.05 -13.92 24.71
N THR C 48 18.17 -14.58 25.01
CA THR C 48 18.58 -14.84 26.39
C THR C 48 19.29 -13.59 26.90
N LYS C 49 19.34 -13.43 28.24
CA LYS C 49 20.03 -12.33 28.93
C LYS C 49 21.51 -12.25 28.46
N ASP C 50 22.16 -13.42 28.24
CA ASP C 50 23.54 -13.54 27.76
C ASP C 50 23.72 -12.90 26.37
N LEU C 51 22.85 -13.27 25.41
CA LEU C 51 22.84 -12.73 24.04
C LEU C 51 22.52 -11.22 24.05
N ALA C 52 21.55 -10.81 24.88
CA ALA C 52 21.12 -9.43 25.03
C ALA C 52 22.25 -8.56 25.55
N GLU C 53 22.93 -9.00 26.65
CA GLU C 53 24.03 -8.25 27.25
C GLU C 53 25.19 -8.12 26.28
N SER C 54 25.52 -9.21 25.56
CA SER C 54 26.59 -9.21 24.55
CA SER C 54 26.59 -9.19 24.57
C SER C 54 26.23 -8.27 23.40
N HIS C 55 24.93 -8.25 22.99
CA HIS C 55 24.43 -7.42 21.90
C HIS C 55 24.56 -5.92 22.26
N TYR C 56 24.12 -5.56 23.47
CA TYR C 56 24.15 -4.19 23.96
C TYR C 56 25.44 -3.82 24.75
N ALA C 57 26.54 -4.60 24.60
CA ALA C 57 27.82 -4.41 25.31
C ALA C 57 28.40 -2.99 25.31
N GLU C 58 28.30 -2.27 24.15
CA GLU C 58 28.80 -0.89 24.04
C GLU C 58 28.17 0.08 25.06
N HIS C 59 27.01 -0.27 25.62
CA HIS C 59 26.31 0.55 26.61
C HIS C 59 26.31 -0.08 28.01
N LYS C 60 27.12 -1.15 28.24
CA LYS C 60 27.16 -1.92 29.50
C LYS C 60 27.35 -1.08 30.78
N GLU C 61 27.94 0.12 30.67
CA GLU C 61 28.12 0.96 31.85
C GLU C 61 27.18 2.18 31.92
N ARG C 62 26.28 2.31 30.92
CA ARG C 62 25.26 3.37 30.87
C ARG C 62 24.06 2.99 31.79
N PRO C 63 23.33 3.97 32.36
CA PRO C 63 22.23 3.62 33.29
C PRO C 63 21.03 2.89 32.66
N PHE C 64 20.82 3.08 31.34
CA PHE C 64 19.71 2.49 30.58
C PHE C 64 19.99 1.05 30.08
N PHE C 65 21.24 0.56 30.24
CA PHE C 65 21.64 -0.79 29.82
C PHE C 65 20.67 -1.89 30.29
N GLY C 66 20.32 -1.88 31.57
CA GLY C 66 19.43 -2.86 32.18
C GLY C 66 18.08 -2.91 31.49
N GLY C 67 17.50 -1.73 31.28
CA GLY C 67 16.23 -1.54 30.57
C GLY C 67 16.24 -2.10 29.17
N LEU C 68 17.35 -1.90 28.41
CA LEU C 68 17.51 -2.39 27.04
C LEU C 68 17.57 -3.91 27.03
N VAL C 69 18.28 -4.48 28.02
CA VAL C 69 18.45 -5.94 28.19
C VAL C 69 17.12 -6.57 28.59
N SER C 70 16.43 -5.98 29.59
CA SER C 70 15.12 -6.45 30.04
C SER C 70 14.10 -6.50 28.90
N PHE C 71 14.00 -5.41 28.11
CA PHE C 71 13.05 -5.30 27.02
C PHE C 71 13.33 -6.24 25.85
N ILE C 72 14.58 -6.35 25.36
CA ILE C 72 14.85 -7.21 24.22
C ILE C 72 14.62 -8.71 24.55
N THR C 73 14.57 -9.07 25.84
CA THR C 73 14.35 -10.45 26.31
C THR C 73 12.90 -10.74 26.69
N SER C 74 12.06 -9.70 26.74
CA SER C 74 10.64 -9.73 27.16
C SER C 74 9.65 -10.39 26.20
N GLY C 75 10.12 -10.76 24.99
CA GLY C 75 9.28 -11.39 24.00
C GLY C 75 10.03 -11.75 22.73
N PRO C 76 9.34 -12.33 21.71
CA PRO C 76 10.04 -12.71 20.48
C PRO C 76 10.59 -11.52 19.70
N VAL C 77 11.73 -11.76 19.08
CA VAL C 77 12.52 -10.84 18.28
C VAL C 77 12.72 -11.51 16.92
N VAL C 78 12.64 -10.75 15.84
CA VAL C 78 12.90 -11.26 14.51
C VAL C 78 14.27 -10.68 14.12
N ALA C 79 15.28 -11.57 14.08
CA ALA C 79 16.66 -11.26 13.78
C ALA C 79 16.88 -11.48 12.29
N MET C 80 17.54 -10.52 11.64
CA MET C 80 17.80 -10.65 10.23
C MET C 80 19.13 -10.03 9.82
N VAL C 81 19.62 -10.48 8.67
CA VAL C 81 20.87 -10.02 8.10
C VAL C 81 20.59 -9.72 6.64
N PHE C 82 20.89 -8.45 6.23
CA PHE C 82 20.73 -8.01 4.86
C PHE C 82 22.08 -7.70 4.23
N GLU C 83 22.20 -8.00 2.93
CA GLU C 83 23.43 -7.79 2.17
C GLU C 83 23.21 -6.83 1.01
N GLY C 84 24.15 -5.90 0.84
CA GLY C 84 24.16 -4.94 -0.24
C GLY C 84 25.19 -3.85 -0.06
N LYS C 85 25.38 -3.04 -1.13
CA LYS C 85 26.26 -1.87 -1.14
C LYS C 85 25.72 -0.86 -0.11
N GLY C 86 26.60 -0.40 0.79
CA GLY C 86 26.31 0.58 1.84
C GLY C 86 25.12 0.23 2.74
N VAL C 87 24.81 -1.07 2.87
CA VAL C 87 23.65 -1.58 3.63
C VAL C 87 23.62 -1.11 5.09
N VAL C 88 24.80 -0.98 5.75
CA VAL C 88 24.88 -0.56 7.17
C VAL C 88 24.28 0.84 7.35
N ALA C 89 24.82 1.83 6.64
CA ALA C 89 24.38 3.24 6.72
C ALA C 89 22.97 3.46 6.14
N SER C 90 22.68 2.77 5.02
CA SER C 90 21.39 2.84 4.35
C SER C 90 20.28 2.29 5.22
N ALA C 91 20.49 1.19 5.99
CA ALA C 91 19.52 0.56 6.89
C ALA C 91 19.17 1.45 8.07
N ARG C 92 20.13 2.30 8.47
CA ARG C 92 19.96 3.25 9.58
C ARG C 92 19.17 4.43 9.09
N LEU C 93 19.41 4.86 7.85
CA LEU C 93 18.65 5.95 7.23
C LEU C 93 17.16 5.55 7.10
N MET C 94 16.91 4.24 6.76
CA MET C 94 15.56 3.68 6.61
C MET C 94 14.85 3.50 7.98
N ILE C 95 15.60 3.36 9.04
CA ILE C 95 15.05 3.23 10.41
C ILE C 95 14.60 4.61 10.90
N GLY C 96 15.47 5.60 10.71
CA GLY C 96 15.26 6.97 11.19
C GLY C 96 16.28 7.31 12.26
N VAL C 97 15.87 8.10 13.27
CA VAL C 97 16.79 8.52 14.36
C VAL C 97 16.36 7.88 15.68
N THR C 98 17.18 8.01 16.74
CA THR C 98 16.92 7.43 18.06
C THR C 98 15.49 7.71 18.55
N ASN C 99 15.08 8.99 18.49
CA ASN C 99 13.73 9.39 18.89
C ASN C 99 12.80 9.25 17.69
N PRO C 100 11.79 8.35 17.79
CA PRO C 100 10.87 8.16 16.66
C PRO C 100 10.03 9.41 16.33
N LEU C 101 9.82 10.29 17.31
CA LEU C 101 9.10 11.55 17.17
C LEU C 101 9.86 12.56 16.31
N ALA C 102 11.20 12.47 16.31
CA ALA C 102 12.08 13.31 15.51
C ALA C 102 12.40 12.66 14.14
N SER C 103 12.08 11.37 13.97
CA SER C 103 12.35 10.62 12.74
C SER C 103 11.44 11.09 11.63
N ALA C 104 12.01 11.26 10.43
CA ALA C 104 11.28 11.75 9.28
C ALA C 104 10.19 10.80 8.79
N PRO C 105 9.00 11.30 8.39
CA PRO C 105 8.00 10.40 7.78
C PRO C 105 8.67 9.77 6.51
N GLY C 106 8.44 8.49 6.29
CA GLY C 106 9.10 7.73 5.22
C GLY C 106 10.06 6.74 5.84
N SER C 107 10.55 7.05 7.03
CA SER C 107 11.43 6.16 7.79
C SER C 107 10.49 5.28 8.64
N ILE C 108 10.96 4.11 9.17
CA ILE C 108 10.18 3.16 9.96
C ILE C 108 9.77 3.77 11.31
N ARG C 109 10.72 4.39 12.00
CA ARG C 109 10.40 4.99 13.29
C ARG C 109 9.55 6.24 13.08
N GLY C 110 9.83 6.98 12.00
CA GLY C 110 9.06 8.16 11.63
C GLY C 110 7.64 7.81 11.27
N ASP C 111 7.44 6.63 10.63
CA ASP C 111 6.11 6.15 10.23
C ASP C 111 5.31 5.46 11.34
N PHE C 112 5.99 4.74 12.28
CA PHE C 112 5.30 3.88 13.27
C PHE C 112 5.58 4.10 14.75
N GLY C 113 6.61 4.88 15.11
CA GLY C 113 6.99 5.03 16.51
C GLY C 113 6.74 6.35 17.19
N VAL C 114 6.53 6.32 18.52
CA VAL C 114 6.35 7.50 19.37
C VAL C 114 7.36 7.58 20.55
N ASP C 115 7.94 6.44 20.97
CA ASP C 115 8.82 6.40 22.14
C ASP C 115 10.17 5.80 21.89
N VAL C 116 11.22 6.37 22.50
CA VAL C 116 12.62 5.91 22.42
C VAL C 116 12.74 4.46 22.91
N GLY C 117 12.01 4.13 23.99
CA GLY C 117 11.99 2.78 24.57
C GLY C 117 11.24 1.74 23.75
N ARG C 118 10.35 2.20 22.87
CA ARG C 118 9.54 1.35 21.99
C ARG C 118 9.81 1.82 20.54
N ASN C 119 11.05 1.66 20.07
CA ASN C 119 11.45 2.19 18.78
C ASN C 119 11.60 1.14 17.68
N ILE C 120 10.80 0.04 17.81
CA ILE C 120 10.48 -1.00 16.85
C ILE C 120 11.64 -1.88 16.36
N ILE C 121 12.71 -1.26 15.88
CA ILE C 121 13.82 -1.97 15.26
C ILE C 121 15.16 -1.29 15.60
N GLY C 122 16.20 -2.10 15.65
CA GLY C 122 17.58 -1.70 15.88
C GLY C 122 18.45 -2.24 14.77
N GLY C 123 19.44 -1.47 14.36
CA GLY C 123 20.37 -1.84 13.31
C GLY C 123 21.81 -1.56 13.72
N SER C 124 22.76 -2.26 13.06
CA SER C 124 24.19 -2.08 13.32
C SER C 124 24.60 -0.63 13.07
N ASP C 125 25.49 -0.05 13.92
CA ASP C 125 25.93 1.33 13.72
C ASP C 125 27.17 1.43 12.79
N SER C 126 27.86 0.32 12.54
CA SER C 126 29.07 0.30 11.69
C SER C 126 29.30 -1.10 11.13
N VAL C 127 30.17 -1.22 10.12
CA VAL C 127 30.59 -2.48 9.49
C VAL C 127 31.21 -3.39 10.57
N GLU C 128 32.06 -2.83 11.48
CA GLU C 128 32.70 -3.58 12.57
CA GLU C 128 32.69 -3.59 12.56
C GLU C 128 31.64 -4.11 13.55
N SER C 129 30.65 -3.28 13.94
CA SER C 129 29.57 -3.69 14.86
CA SER C 129 29.56 -3.68 14.85
C SER C 129 28.69 -4.76 14.19
N ALA C 130 28.48 -4.64 12.85
CA ALA C 130 27.69 -5.59 12.06
C ALA C 130 28.32 -6.97 12.08
N ASN C 131 29.60 -7.05 11.71
CA ASN C 131 30.32 -8.31 11.67
C ASN C 131 30.31 -9.01 13.02
N ARG C 132 30.40 -8.25 14.12
CA ARG C 132 30.33 -8.78 15.49
C ARG C 132 28.91 -9.24 15.80
N GLU C 133 27.87 -8.39 15.51
CA GLU C 133 26.45 -8.71 15.78
C GLU C 133 25.96 -9.93 15.01
N ILE C 134 26.34 -10.05 13.73
CA ILE C 134 26.00 -11.16 12.83
C ILE C 134 26.53 -12.47 13.39
N ALA C 135 27.82 -12.47 13.83
CA ALA C 135 28.47 -13.67 14.39
C ALA C 135 27.85 -14.08 15.74
N LEU C 136 27.36 -13.10 16.50
CA LEU C 136 26.74 -13.29 17.79
C LEU C 136 25.32 -13.89 17.70
N TRP C 137 24.49 -13.42 16.74
CA TRP C 137 23.10 -13.88 16.59
C TRP C 137 22.96 -15.08 15.66
N PHE C 138 23.84 -15.20 14.67
CA PHE C 138 23.77 -16.26 13.67
C PHE C 138 25.00 -17.16 13.60
N LYS C 139 24.75 -18.44 13.30
CA LYS C 139 25.79 -19.44 13.10
C LYS C 139 26.10 -19.39 11.61
N PRO C 140 27.36 -19.66 11.17
CA PRO C 140 27.66 -19.61 9.72
C PRO C 140 26.72 -20.41 8.81
N GLU C 141 26.17 -21.52 9.33
CA GLU C 141 25.24 -22.43 8.62
C GLU C 141 23.91 -21.74 8.32
N GLU C 142 23.48 -20.82 9.21
CA GLU C 142 22.23 -20.03 9.15
C GLU C 142 22.30 -18.88 8.14
N LEU C 143 23.46 -18.66 7.51
CA LEU C 143 23.67 -17.57 6.56
C LEU C 143 23.94 -18.04 5.16
N LEU C 144 23.37 -17.35 4.16
CA LEU C 144 23.59 -17.65 2.74
C LEU C 144 25.03 -17.36 2.35
N THR C 145 25.61 -18.18 1.51
CA THR C 145 26.99 -17.98 1.04
C THR C 145 26.97 -17.63 -0.44
N GLU C 146 26.03 -18.25 -1.16
CA GLU C 146 25.82 -18.05 -2.59
C GLU C 146 24.85 -16.87 -2.80
N VAL C 147 25.39 -15.66 -3.10
CA VAL C 147 24.55 -14.48 -3.35
C VAL C 147 24.89 -13.93 -4.74
N LYS C 148 24.05 -14.26 -5.72
CA LYS C 148 24.25 -13.83 -7.09
C LYS C 148 23.78 -12.37 -7.20
N PRO C 149 24.66 -11.46 -7.71
CA PRO C 149 24.27 -10.05 -7.81
C PRO C 149 23.22 -9.79 -8.89
N ASN C 150 22.14 -9.07 -8.51
CA ASN C 150 21.05 -8.70 -9.41
C ASN C 150 21.53 -7.65 -10.42
N PRO C 151 21.53 -7.95 -11.75
CA PRO C 151 22.01 -6.95 -12.74
C PRO C 151 21.07 -5.74 -12.90
N ASN C 152 19.87 -5.84 -12.27
CA ASN C 152 18.90 -4.75 -12.29
C ASN C 152 19.17 -3.80 -11.13
N LEU C 153 19.90 -4.27 -10.11
CA LEU C 153 20.24 -3.43 -8.96
C LEU C 153 21.69 -2.95 -8.92
N TYR C 154 22.61 -3.67 -9.59
CA TYR C 154 24.03 -3.37 -9.64
C TYR C 154 24.58 -3.29 -11.03
N GLU C 155 25.41 -2.28 -11.29
CA GLU C 155 26.09 -2.00 -12.56
C GLU C 155 27.11 -3.09 -12.89
N LYS D 5 -31.65 10.44 -7.00
CA LYS D 5 -32.08 9.30 -7.80
C LYS D 5 -31.61 7.98 -7.19
N VAL D 6 -31.06 7.11 -8.04
CA VAL D 6 -30.57 5.83 -7.59
C VAL D 6 -29.16 5.93 -7.01
N ASN D 7 -28.42 6.96 -7.40
CA ASN D 7 -27.07 7.26 -6.94
C ASN D 7 -27.05 7.99 -5.59
N LYS D 8 -28.23 8.29 -5.03
CA LYS D 8 -28.41 8.99 -3.76
C LYS D 8 -28.72 8.02 -2.61
N GLU D 9 -28.62 6.70 -2.88
CA GLU D 9 -28.83 5.64 -1.88
C GLU D 9 -27.77 5.79 -0.76
N ARG D 10 -28.18 5.50 0.50
CA ARG D 10 -27.30 5.62 1.65
C ARG D 10 -27.23 4.36 2.48
N THR D 11 -26.06 4.11 3.10
CA THR D 11 -25.87 2.97 4.02
C THR D 11 -25.21 3.43 5.30
N PHE D 12 -25.52 2.75 6.39
CA PHE D 12 -24.91 3.02 7.68
C PHE D 12 -23.82 1.97 7.90
N LEU D 13 -22.64 2.42 8.34
CA LEU D 13 -21.51 1.55 8.64
C LEU D 13 -20.97 1.92 10.00
N ALA D 14 -20.61 0.91 10.78
CA ALA D 14 -20.03 1.11 12.11
C ALA D 14 -18.75 0.33 12.24
N VAL D 15 -17.63 1.05 12.52
CA VAL D 15 -16.36 0.38 12.79
C VAL D 15 -16.49 0.11 14.29
N LYS D 16 -16.61 -1.16 14.62
CA LYS D 16 -16.84 -1.64 15.98
C LYS D 16 -15.63 -1.40 16.91
N PRO D 17 -15.78 -1.52 18.26
CA PRO D 17 -14.64 -1.26 19.15
C PRO D 17 -13.34 -2.00 18.82
N ASP D 18 -13.44 -3.21 18.26
CA ASP D 18 -12.28 -4.00 17.88
C ASP D 18 -11.55 -3.40 16.66
N GLY D 19 -12.30 -2.85 15.71
CA GLY D 19 -11.83 -2.21 14.48
C GLY D 19 -11.16 -0.87 14.76
N VAL D 20 -11.66 -0.16 15.80
CA VAL D 20 -11.11 1.10 16.28
C VAL D 20 -9.81 0.82 17.06
N ALA D 21 -9.86 -0.11 18.07
CA ALA D 21 -8.72 -0.50 18.92
C ALA D 21 -7.51 -1.01 18.14
N ARG D 22 -7.75 -1.72 17.03
CA ARG D 22 -6.73 -2.27 16.16
C ARG D 22 -6.17 -1.25 15.15
N GLY D 23 -6.72 -0.02 15.15
CA GLY D 23 -6.31 1.07 14.26
C GLY D 23 -6.63 0.83 12.80
N LEU D 24 -7.84 0.36 12.52
CA LEU D 24 -8.33 0.05 11.18
C LEU D 24 -9.30 1.11 10.57
N VAL D 25 -9.61 2.18 11.29
CA VAL D 25 -10.54 3.25 10.85
C VAL D 25 -10.14 3.89 9.51
N GLY D 26 -8.91 4.36 9.39
CA GLY D 26 -8.38 4.98 8.17
C GLY D 26 -8.35 4.03 7.00
N GLU D 27 -7.88 2.80 7.23
CA GLU D 27 -7.88 1.70 6.26
C GLU D 27 -9.29 1.48 5.65
N ILE D 28 -10.31 1.32 6.52
CA ILE D 28 -11.71 1.09 6.11
C ILE D 28 -12.32 2.28 5.30
N ILE D 29 -12.17 3.51 5.84
CA ILE D 29 -12.65 4.73 5.20
C ILE D 29 -11.99 4.90 3.82
N ALA D 30 -10.69 4.64 3.72
CA ALA D 30 -9.96 4.75 2.45
C ALA D 30 -10.56 3.78 1.41
N ARG D 31 -10.95 2.56 1.82
CA ARG D 31 -11.60 1.57 0.94
C ARG D 31 -12.92 2.06 0.29
N TYR D 32 -13.80 2.69 1.10
CA TYR D 32 -15.07 3.21 0.58
C TYR D 32 -14.88 4.45 -0.25
N GLU D 33 -13.88 5.29 0.11
CA GLU D 33 -13.54 6.50 -0.66
C GLU D 33 -13.00 6.13 -2.07
N LYS D 34 -12.12 5.11 -2.15
CA LYS D 34 -11.49 4.60 -3.39
C LYS D 34 -12.53 4.09 -4.36
N LYS D 35 -13.58 3.48 -3.80
CA LYS D 35 -14.70 2.89 -4.51
C LYS D 35 -15.51 3.95 -5.26
N GLY D 36 -15.59 5.14 -4.68
CA GLY D 36 -16.37 6.25 -5.24
C GLY D 36 -17.58 6.62 -4.38
N PHE D 37 -17.78 5.95 -3.25
CA PHE D 37 -18.87 6.27 -2.32
C PHE D 37 -18.50 7.53 -1.54
N VAL D 38 -19.47 8.44 -1.40
CA VAL D 38 -19.28 9.72 -0.72
C VAL D 38 -19.66 9.66 0.77
N LEU D 39 -18.75 10.12 1.63
CA LEU D 39 -18.99 10.16 3.07
C LEU D 39 -19.95 11.31 3.38
N VAL D 40 -21.15 11.00 3.88
CA VAL D 40 -22.15 12.06 4.14
C VAL D 40 -22.35 12.25 5.66
N GLY D 41 -21.77 11.35 6.44
CA GLY D 41 -21.83 11.42 7.89
C GLY D 41 -20.68 10.70 8.54
N LEU D 42 -20.10 11.32 9.57
CA LEU D 42 -18.98 10.71 10.27
C LEU D 42 -18.85 11.18 11.72
N LYS D 43 -18.66 10.26 12.63
CA LYS D 43 -18.44 10.59 14.03
C LYS D 43 -17.84 9.42 14.82
N GLN D 44 -17.05 9.76 15.86
CA GLN D 44 -16.59 8.76 16.82
C GLN D 44 -17.40 9.02 18.11
N LEU D 45 -17.84 7.93 18.77
CA LEU D 45 -18.64 7.98 20.00
C LEU D 45 -18.54 6.63 20.74
N VAL D 46 -18.86 6.62 22.05
CA VAL D 46 -18.98 5.38 22.84
C VAL D 46 -20.49 5.18 22.89
N PRO D 47 -21.05 4.15 22.21
CA PRO D 47 -22.52 3.99 22.20
C PRO D 47 -23.13 3.66 23.55
N THR D 48 -24.32 4.20 23.80
CA THR D 48 -25.09 3.94 25.02
C THR D 48 -25.83 2.61 24.83
N LYS D 49 -26.22 1.97 25.95
CA LYS D 49 -26.96 0.70 25.95
C LYS D 49 -28.28 0.85 25.14
N ASP D 50 -28.94 2.02 25.24
CA ASP D 50 -30.16 2.33 24.52
C ASP D 50 -29.96 2.32 23.01
N LEU D 51 -28.91 3.02 22.52
CA LEU D 51 -28.56 3.07 21.08
C LEU D 51 -28.19 1.66 20.58
N ALA D 52 -27.37 0.93 21.39
CA ALA D 52 -26.91 -0.44 21.12
C ALA D 52 -28.07 -1.46 20.98
N GLU D 53 -29.06 -1.39 21.88
CA GLU D 53 -30.24 -2.27 21.85
C GLU D 53 -31.16 -1.95 20.67
N SER D 54 -31.37 -0.64 20.39
CA SER D 54 -32.18 -0.18 19.26
CA SER D 54 -32.19 -0.20 19.27
C SER D 54 -31.54 -0.59 17.94
N HIS D 55 -30.19 -0.49 17.86
CA HIS D 55 -29.41 -0.86 16.67
C HIS D 55 -29.54 -2.36 16.37
N TYR D 56 -29.37 -3.19 17.40
CA TYR D 56 -29.42 -4.64 17.31
C TYR D 56 -30.83 -5.26 17.56
N ALA D 57 -31.91 -4.43 17.45
CA ALA D 57 -33.32 -4.82 17.67
C ALA D 57 -33.78 -6.11 16.94
N GLU D 58 -33.37 -6.32 15.67
CA GLU D 58 -33.75 -7.51 14.90
C GLU D 58 -33.35 -8.84 15.58
N HIS D 59 -32.37 -8.80 16.51
CA HIS D 59 -31.89 -9.97 17.24
C HIS D 59 -32.26 -9.94 18.72
N LYS D 60 -33.15 -9.01 19.15
CA LYS D 60 -33.55 -8.81 20.57
C LYS D 60 -34.01 -10.08 21.31
N GLU D 61 -34.44 -11.13 20.59
CA GLU D 61 -34.90 -12.37 21.21
C GLU D 61 -33.87 -13.52 21.11
N ARG D 62 -32.76 -13.29 20.39
CA ARG D 62 -31.68 -14.28 20.20
C ARG D 62 -30.77 -14.34 21.44
N PRO D 63 -30.13 -15.51 21.75
CA PRO D 63 -29.29 -15.60 22.97
C PRO D 63 -28.02 -14.72 22.99
N PHE D 64 -27.49 -14.39 21.79
CA PHE D 64 -26.29 -13.59 21.59
C PHE D 64 -26.52 -12.07 21.65
N PHE D 65 -27.80 -11.62 21.70
CA PHE D 65 -28.17 -10.20 21.76
C PHE D 65 -27.41 -9.40 22.84
N GLY D 66 -27.39 -9.93 24.07
CA GLY D 66 -26.71 -9.31 25.20
C GLY D 66 -25.23 -9.06 24.94
N GLY D 67 -24.56 -10.09 24.41
CA GLY D 67 -23.16 -10.07 24.03
C GLY D 67 -22.84 -9.01 22.99
N LEU D 68 -23.72 -8.84 21.97
CA LEU D 68 -23.58 -7.84 20.90
C LEU D 68 -23.69 -6.42 21.48
N VAL D 69 -24.64 -6.24 22.40
CA VAL D 69 -24.90 -4.98 23.09
C VAL D 69 -23.72 -4.65 24.02
N SER D 70 -23.22 -5.63 24.80
CA SER D 70 -22.08 -5.45 25.71
C SER D 70 -20.83 -5.00 24.94
N PHE D 71 -20.50 -5.68 23.83
CA PHE D 71 -19.32 -5.38 23.04
C PHE D 71 -19.37 -4.03 22.33
N ILE D 72 -20.47 -3.68 21.65
CA ILE D 72 -20.53 -2.42 20.91
C ILE D 72 -20.47 -1.20 21.86
N THR D 73 -20.76 -1.38 23.17
CA THR D 73 -20.72 -0.31 24.18
C THR D 73 -19.42 -0.27 24.99
N SER D 74 -18.54 -1.27 24.81
CA SER D 74 -17.28 -1.47 25.53
C SER D 74 -16.14 -0.51 25.18
N GLY D 75 -16.30 0.30 24.13
CA GLY D 75 -15.30 1.25 23.69
C GLY D 75 -15.75 2.13 22.54
N PRO D 76 -14.88 3.06 22.04
CA PRO D 76 -15.30 3.93 20.92
C PRO D 76 -15.59 3.16 19.63
N VAL D 77 -16.57 3.70 18.90
CA VAL D 77 -17.10 3.20 17.65
C VAL D 77 -17.04 4.39 16.68
N VAL D 78 -16.68 4.11 15.40
CA VAL D 78 -16.68 5.14 14.37
C VAL D 78 -17.90 4.83 13.51
N ALA D 79 -18.88 5.73 13.56
CA ALA D 79 -20.16 5.66 12.86
C ALA D 79 -20.05 6.47 11.60
N MET D 80 -20.44 5.88 10.48
CA MET D 80 -20.40 6.60 9.21
C MET D 80 -21.59 6.27 8.29
N VAL D 81 -21.86 7.20 7.38
CA VAL D 81 -22.89 7.08 6.38
C VAL D 81 -22.25 7.38 5.03
N PHE D 82 -22.37 6.44 4.08
CA PHE D 82 -21.86 6.58 2.71
C PHE D 82 -23.00 6.63 1.70
N GLU D 83 -22.83 7.42 0.66
CA GLU D 83 -23.83 7.62 -0.40
C GLU D 83 -23.28 7.18 -1.77
N GLY D 84 -24.11 6.46 -2.51
CA GLY D 84 -23.78 6.01 -3.86
C GLY D 84 -24.78 5.02 -4.40
N LYS D 85 -24.66 4.71 -5.70
CA LYS D 85 -25.48 3.69 -6.38
C LYS D 85 -25.20 2.34 -5.74
N GLY D 86 -26.27 1.65 -5.29
CA GLY D 86 -26.22 0.32 -4.71
C GLY D 86 -25.25 0.18 -3.56
N VAL D 87 -25.03 1.29 -2.82
CA VAL D 87 -24.10 1.38 -1.69
C VAL D 87 -24.39 0.32 -0.59
N VAL D 88 -25.70 0.01 -0.32
CA VAL D 88 -26.07 -0.95 0.73
C VAL D 88 -25.47 -2.34 0.43
N ALA D 89 -25.76 -2.90 -0.76
CA ALA D 89 -25.28 -4.24 -1.14
C ALA D 89 -23.80 -4.23 -1.39
N SER D 90 -23.27 -3.09 -1.90
CA SER D 90 -21.84 -2.97 -2.22
C SER D 90 -20.94 -2.91 -0.99
N ALA D 91 -21.36 -2.15 0.07
CA ALA D 91 -20.60 -2.07 1.32
C ALA D 91 -20.49 -3.41 2.04
N ARG D 92 -21.58 -4.22 1.99
CA ARG D 92 -21.71 -5.57 2.57
C ARG D 92 -20.72 -6.52 1.90
N LEU D 93 -20.64 -6.46 0.56
CA LEU D 93 -19.73 -7.24 -0.28
C LEU D 93 -18.30 -6.89 0.10
N MET D 94 -18.03 -5.58 0.23
CA MET D 94 -16.70 -5.06 0.63
C MET D 94 -16.29 -5.50 2.03
N ILE D 95 -17.26 -5.73 2.94
CA ILE D 95 -17.05 -6.20 4.32
C ILE D 95 -16.71 -7.71 4.33
N GLY D 96 -17.47 -8.50 3.58
CA GLY D 96 -17.31 -9.95 3.54
C GLY D 96 -18.51 -10.64 4.14
N VAL D 97 -18.32 -11.79 4.79
CA VAL D 97 -19.43 -12.56 5.38
C VAL D 97 -19.37 -12.55 6.91
N THR D 98 -20.40 -13.06 7.60
CA THR D 98 -20.46 -13.09 9.08
C THR D 98 -19.17 -13.62 9.72
N ASN D 99 -18.69 -14.78 9.23
CA ASN D 99 -17.46 -15.38 9.73
C ASN D 99 -16.28 -14.81 8.92
N PRO D 100 -15.36 -14.10 9.61
CA PRO D 100 -14.22 -13.52 8.90
C PRO D 100 -13.28 -14.54 8.28
N LEU D 101 -13.26 -15.77 8.81
CA LEU D 101 -12.44 -16.86 8.30
C LEU D 101 -12.95 -17.40 6.95
N ALA D 102 -14.27 -17.23 6.72
CA ALA D 102 -14.94 -17.64 5.48
C ALA D 102 -14.98 -16.47 4.47
N SER D 103 -14.70 -15.23 4.92
CA SER D 103 -14.67 -14.04 4.08
C SER D 103 -13.48 -14.10 3.13
N ALA D 104 -13.71 -13.75 1.88
CA ALA D 104 -12.71 -13.79 0.83
C ALA D 104 -11.59 -12.76 1.01
N PRO D 105 -10.34 -13.11 0.61
CA PRO D 105 -9.26 -12.10 0.61
C PRO D 105 -9.68 -10.95 -0.31
N GLY D 106 -9.41 -9.72 0.12
CA GLY D 106 -9.86 -8.53 -0.58
C GLY D 106 -10.95 -7.83 0.19
N SER D 107 -11.74 -8.54 1.01
CA SER D 107 -12.77 -7.90 1.82
C SER D 107 -12.19 -7.49 3.18
N ILE D 108 -12.85 -6.58 3.90
CA ILE D 108 -12.36 -6.11 5.20
C ILE D 108 -12.17 -7.28 6.18
N ARG D 109 -13.20 -8.13 6.37
CA ARG D 109 -13.14 -9.27 7.30
C ARG D 109 -12.21 -10.36 6.81
N GLY D 110 -12.17 -10.57 5.51
CA GLY D 110 -11.28 -11.56 4.89
C GLY D 110 -9.82 -11.23 5.10
N ASP D 111 -9.48 -9.94 5.01
CA ASP D 111 -8.13 -9.44 5.20
C ASP D 111 -7.71 -9.24 6.67
N PHE D 112 -8.66 -8.93 7.59
CA PHE D 112 -8.25 -8.57 8.95
C PHE D 112 -8.88 -9.34 10.11
N GLY D 113 -9.92 -10.12 9.88
CA GLY D 113 -10.61 -10.81 10.98
C GLY D 113 -10.43 -12.31 11.07
N VAL D 114 -10.57 -12.85 12.29
CA VAL D 114 -10.51 -14.29 12.58
C VAL D 114 -11.76 -14.80 13.38
N ASP D 115 -12.47 -13.90 14.09
CA ASP D 115 -13.59 -14.28 14.96
C ASP D 115 -14.87 -13.55 14.65
N VAL D 116 -16.00 -14.28 14.71
CA VAL D 116 -17.35 -13.76 14.50
C VAL D 116 -17.66 -12.63 15.49
N GLY D 117 -17.23 -12.77 16.73
CA GLY D 117 -17.44 -11.76 17.76
C GLY D 117 -16.55 -10.53 17.65
N ARG D 118 -15.45 -10.65 16.89
CA ARG D 118 -14.48 -9.56 16.65
C ARG D 118 -14.38 -9.39 15.13
N ASN D 119 -15.49 -9.01 14.49
CA ASN D 119 -15.55 -8.94 13.04
C ASN D 119 -15.47 -7.50 12.47
N ILE D 120 -14.79 -6.59 13.22
CA ILE D 120 -14.32 -5.26 12.86
C ILE D 120 -15.37 -4.21 12.51
N ILE D 121 -16.24 -4.53 11.53
CA ILE D 121 -17.20 -3.60 10.96
C ILE D 121 -18.55 -4.26 10.74
N GLY D 122 -19.61 -3.45 10.79
CA GLY D 122 -20.98 -3.87 10.51
C GLY D 122 -21.63 -2.87 9.57
N GLY D 123 -22.38 -3.36 8.61
CA GLY D 123 -23.11 -2.54 7.65
C GLY D 123 -24.60 -2.90 7.59
N SER D 124 -25.42 -1.96 7.08
CA SER D 124 -26.87 -2.17 6.94
C SER D 124 -27.15 -3.33 5.99
N ASP D 125 -28.13 -4.21 6.34
CA ASP D 125 -28.45 -5.36 5.48
C ASP D 125 -29.45 -5.01 4.35
N SER D 126 -30.10 -3.84 4.43
CA SER D 126 -31.09 -3.42 3.42
C SER D 126 -31.27 -1.91 3.44
N VAL D 127 -31.92 -1.37 2.40
CA VAL D 127 -32.23 0.07 2.26
C VAL D 127 -33.12 0.50 3.45
N GLU D 128 -34.10 -0.35 3.83
CA GLU D 128 -35.02 -0.15 4.96
C GLU D 128 -34.22 -0.07 6.28
N SER D 129 -33.31 -1.05 6.52
CA SER D 129 -32.47 -1.09 7.73
CA SER D 129 -32.49 -1.09 7.73
C SER D 129 -31.54 0.11 7.78
N ALA D 130 -30.98 0.50 6.61
CA ALA D 130 -30.08 1.66 6.46
C ALA D 130 -30.76 2.94 6.90
N ASN D 131 -31.95 3.24 6.34
CA ASN D 131 -32.71 4.47 6.66
C ASN D 131 -33.06 4.57 8.13
N ARG D 132 -33.32 3.42 8.77
CA ARG D 132 -33.65 3.33 10.19
C ARG D 132 -32.37 3.54 11.01
N GLU D 133 -31.26 2.85 10.65
CA GLU D 133 -29.97 2.95 11.34
C GLU D 133 -29.37 4.35 11.27
N ILE D 134 -29.46 5.02 10.10
CA ILE D 134 -28.97 6.38 9.85
C ILE D 134 -29.69 7.37 10.75
N ALA D 135 -31.03 7.26 10.85
CA ALA D 135 -31.85 8.13 11.69
C ALA D 135 -31.56 7.93 13.18
N LEU D 136 -31.23 6.70 13.57
CA LEU D 136 -30.91 6.30 14.94
C LEU D 136 -29.54 6.83 15.42
N TRP D 137 -28.50 6.74 14.56
CA TRP D 137 -27.15 7.18 14.92
C TRP D 137 -26.86 8.64 14.61
N PHE D 138 -27.52 9.22 13.60
CA PHE D 138 -27.28 10.60 13.16
C PHE D 138 -28.48 11.50 13.20
N LYS D 139 -28.23 12.78 13.47
CA LYS D 139 -29.23 13.84 13.47
C LYS D 139 -29.20 14.42 12.07
N PRO D 140 -30.33 14.92 11.50
CA PRO D 140 -30.28 15.49 10.13
C PRO D 140 -29.19 16.53 9.86
N GLU D 141 -28.83 17.32 10.89
CA GLU D 141 -27.81 18.38 10.86
C GLU D 141 -26.38 17.79 10.67
N GLU D 142 -26.16 16.54 11.14
CA GLU D 142 -24.88 15.82 11.08
C GLU D 142 -24.64 15.18 9.69
N LEU D 143 -25.65 15.27 8.78
CA LEU D 143 -25.57 14.68 7.44
C LEU D 143 -25.51 15.71 6.33
N LEU D 144 -24.67 15.46 5.32
CA LEU D 144 -24.55 16.35 4.17
C LEU D 144 -25.85 16.35 3.35
N THR D 145 -26.19 17.53 2.82
CA THR D 145 -27.38 17.72 1.97
C THR D 145 -26.90 17.99 0.55
N GLU D 146 -25.80 18.73 0.43
CA GLU D 146 -25.15 19.05 -0.83
C GLU D 146 -24.13 17.96 -1.18
N VAL D 147 -24.48 17.10 -2.14
CA VAL D 147 -23.59 16.02 -2.58
C VAL D 147 -23.30 16.21 -4.06
N LYS D 148 -22.07 16.68 -4.35
CA LYS D 148 -21.59 17.00 -5.68
C LYS D 148 -21.53 15.76 -6.61
N PRO D 149 -22.25 15.79 -7.76
CA PRO D 149 -22.25 14.63 -8.68
C PRO D 149 -20.92 14.45 -9.38
N ASN D 150 -20.33 13.23 -9.25
CA ASN D 150 -19.05 12.97 -9.87
C ASN D 150 -19.22 12.44 -11.28
N PRO D 151 -18.71 13.19 -12.28
CA PRO D 151 -18.91 12.74 -13.66
C PRO D 151 -17.95 11.64 -14.12
N ASN D 152 -16.91 11.35 -13.32
CA ASN D 152 -15.94 10.29 -13.61
C ASN D 152 -16.42 8.95 -13.07
N LEU D 153 -17.29 9.01 -12.04
CA LEU D 153 -17.93 7.89 -11.37
C LEU D 153 -19.24 7.48 -12.00
N TYR D 154 -20.06 8.46 -12.37
CA TYR D 154 -21.41 8.22 -12.89
C TYR D 154 -21.59 8.74 -14.29
N GLU D 155 -22.14 7.88 -15.16
CA GLU D 155 -22.48 8.14 -16.55
C GLU D 155 -23.62 9.19 -16.65
N LYS E 5 5.04 -19.50 -28.14
CA LYS E 5 4.92 -20.13 -26.84
C LYS E 5 3.60 -19.80 -26.17
N VAL E 6 3.32 -20.46 -25.05
CA VAL E 6 2.09 -20.23 -24.32
C VAL E 6 2.23 -18.99 -23.45
N ASN E 7 3.46 -18.77 -23.02
CA ASN E 7 3.82 -17.63 -22.18
C ASN E 7 4.00 -16.34 -22.99
N LYS E 8 3.87 -16.41 -24.33
CA LYS E 8 4.00 -15.27 -25.25
C LYS E 8 2.63 -14.70 -25.64
N GLU E 9 1.56 -15.16 -24.96
CA GLU E 9 0.19 -14.67 -25.17
C GLU E 9 0.13 -13.18 -24.83
N ARG E 10 -0.65 -12.41 -25.61
CA ARG E 10 -0.78 -10.97 -25.43
C ARG E 10 -2.21 -10.53 -25.33
N THR E 11 -2.46 -9.49 -24.51
CA THR E 11 -3.79 -8.89 -24.39
C THR E 11 -3.70 -7.39 -24.55
N PHE E 12 -4.77 -6.78 -25.06
CA PHE E 12 -4.87 -5.34 -25.18
C PHE E 12 -5.73 -4.85 -24.00
N LEU E 13 -5.24 -3.81 -23.32
CA LEU E 13 -5.94 -3.19 -22.19
C LEU E 13 -6.01 -1.70 -22.43
N ALA E 14 -7.15 -1.11 -22.14
CA ALA E 14 -7.32 0.33 -22.27
C ALA E 14 -7.82 0.91 -20.94
N VAL E 15 -7.09 1.86 -20.38
CA VAL E 15 -7.56 2.57 -19.18
C VAL E 15 -8.40 3.67 -19.84
N LYS E 16 -9.74 3.59 -19.62
CA LYS E 16 -10.68 4.52 -20.24
C LYS E 16 -10.56 5.93 -19.69
N PRO E 17 -11.20 6.93 -20.34
CA PRO E 17 -11.08 8.32 -19.86
C PRO E 17 -11.39 8.55 -18.38
N ASP E 18 -12.33 7.77 -17.83
CA ASP E 18 -12.71 7.88 -16.42
C ASP E 18 -11.59 7.38 -15.48
N GLY E 19 -10.89 6.33 -15.89
CA GLY E 19 -9.77 5.74 -15.14
C GLY E 19 -8.54 6.63 -15.14
N VAL E 20 -8.32 7.31 -16.28
CA VAL E 20 -7.24 8.28 -16.45
C VAL E 20 -7.55 9.52 -15.60
N ALA E 21 -8.76 10.10 -15.73
CA ALA E 21 -9.20 11.32 -15.02
C ALA E 21 -9.17 11.16 -13.49
N ARG E 22 -9.46 9.94 -12.99
CA ARG E 22 -9.45 9.60 -11.56
C ARG E 22 -8.04 9.26 -11.04
N GLY E 23 -7.05 9.28 -11.95
CA GLY E 23 -5.65 9.03 -11.63
C GLY E 23 -5.32 7.65 -11.17
N LEU E 24 -5.93 6.65 -11.83
CA LEU E 24 -5.78 5.22 -11.55
C LEU E 24 -4.84 4.46 -12.48
N VAL E 25 -4.15 5.17 -13.42
CA VAL E 25 -3.23 4.56 -14.41
C VAL E 25 -2.13 3.73 -13.74
N GLY E 26 -1.44 4.33 -12.76
CA GLY E 26 -0.32 3.70 -12.07
C GLY E 26 -0.75 2.53 -11.24
N GLU E 27 -1.86 2.71 -10.49
CA GLU E 27 -2.47 1.67 -9.67
C GLU E 27 -2.73 0.43 -10.54
N ILE E 28 -3.27 0.65 -11.72
CA ILE E 28 -3.60 -0.40 -12.68
C ILE E 28 -2.32 -1.08 -13.21
N ILE E 29 -1.34 -0.29 -13.76
CA ILE E 29 -0.11 -0.84 -14.31
C ILE E 29 0.63 -1.69 -13.26
N ALA E 30 0.71 -1.22 -12.01
CA ALA E 30 1.32 -1.90 -10.85
C ALA E 30 0.72 -3.26 -10.58
N ARG E 31 -0.62 -3.38 -10.71
CA ARG E 31 -1.32 -4.64 -10.52
C ARG E 31 -0.87 -5.71 -11.53
N TYR E 32 -0.75 -5.33 -12.81
CA TYR E 32 -0.32 -6.27 -13.85
C TYR E 32 1.14 -6.59 -13.75
N GLU E 33 1.97 -5.60 -13.33
CA GLU E 33 3.40 -5.79 -13.12
C GLU E 33 3.69 -6.75 -11.94
N LYS E 34 2.96 -6.60 -10.80
CA LYS E 34 3.07 -7.41 -9.60
C LYS E 34 2.73 -8.89 -9.88
N LYS E 35 1.77 -9.11 -10.77
CA LYS E 35 1.28 -10.40 -11.23
C LYS E 35 2.38 -11.17 -11.98
N GLY E 36 3.21 -10.47 -12.73
CA GLY E 36 4.27 -11.10 -13.52
C GLY E 36 4.10 -10.91 -15.01
N PHE E 37 3.06 -10.16 -15.43
CA PHE E 37 2.82 -9.85 -16.84
C PHE E 37 3.76 -8.75 -17.30
N VAL E 38 4.35 -8.92 -18.49
CA VAL E 38 5.31 -7.97 -19.07
C VAL E 38 4.64 -6.93 -19.98
N LEU E 39 4.91 -5.65 -19.75
CA LEU E 39 4.39 -4.57 -20.57
C LEU E 39 5.18 -4.54 -21.92
N VAL E 40 4.51 -4.78 -23.05
CA VAL E 40 5.19 -4.81 -24.37
C VAL E 40 4.77 -3.63 -25.28
N GLY E 41 3.76 -2.88 -24.87
CA GLY E 41 3.31 -1.69 -25.56
C GLY E 41 2.66 -0.77 -24.56
N LEU E 42 2.89 0.55 -24.70
CA LEU E 42 2.30 1.56 -23.81
C LEU E 42 2.24 2.93 -24.45
N LYS E 43 1.08 3.58 -24.36
CA LYS E 43 0.88 4.95 -24.87
C LYS E 43 -0.35 5.62 -24.33
N GLN E 44 -0.30 6.95 -24.24
CA GLN E 44 -1.45 7.76 -23.91
C GLN E 44 -1.82 8.49 -25.22
N LEU E 45 -3.14 8.55 -25.50
CA LEU E 45 -3.69 9.20 -26.69
C LEU E 45 -5.17 9.52 -26.46
N VAL E 46 -5.71 10.45 -27.26
CA VAL E 46 -7.16 10.75 -27.29
C VAL E 46 -7.59 10.00 -28.57
N PRO E 47 -8.30 8.85 -28.49
CA PRO E 47 -8.60 8.12 -29.72
C PRO E 47 -9.59 8.83 -30.64
N THR E 48 -9.40 8.63 -31.95
CA THR E 48 -10.29 9.18 -32.97
C THR E 48 -11.60 8.41 -32.98
N LYS E 49 -12.67 8.97 -33.63
CA LYS E 49 -13.97 8.32 -33.74
C LYS E 49 -13.84 7.01 -34.51
N ASP E 50 -12.99 7.00 -35.55
CA ASP E 50 -12.67 5.85 -36.41
C ASP E 50 -12.13 4.67 -35.61
N LEU E 51 -11.05 4.90 -34.81
CA LEU E 51 -10.36 3.92 -33.97
C LEU E 51 -11.30 3.37 -32.90
N ALA E 52 -12.20 4.21 -32.37
CA ALA E 52 -13.16 3.79 -31.36
C ALA E 52 -14.20 2.85 -31.94
N GLU E 53 -14.75 3.20 -33.13
CA GLU E 53 -15.75 2.41 -33.87
C GLU E 53 -15.20 1.05 -34.33
N SER E 54 -13.89 1.01 -34.73
CA SER E 54 -13.22 -0.23 -35.15
CA SER E 54 -13.24 -0.23 -35.15
C SER E 54 -12.92 -1.09 -33.93
N HIS E 55 -12.65 -0.44 -32.79
CA HIS E 55 -12.36 -1.08 -31.50
C HIS E 55 -13.66 -1.73 -30.99
N TYR E 56 -14.75 -0.96 -30.98
CA TYR E 56 -16.04 -1.45 -30.52
C TYR E 56 -16.88 -2.10 -31.65
N ALA E 57 -16.24 -2.48 -32.79
CA ALA E 57 -16.83 -3.12 -33.99
C ALA E 57 -17.74 -4.34 -33.74
N GLU E 58 -17.47 -5.13 -32.69
CA GLU E 58 -18.28 -6.30 -32.31
C GLU E 58 -19.69 -5.91 -31.81
N HIS E 59 -19.85 -4.65 -31.38
CA HIS E 59 -21.13 -4.13 -30.88
C HIS E 59 -21.73 -3.08 -31.82
N LYS E 60 -21.19 -2.93 -33.06
CA LYS E 60 -21.61 -1.92 -34.06
C LYS E 60 -23.12 -1.88 -34.35
N GLU E 61 -23.85 -2.98 -34.08
CA GLU E 61 -25.30 -3.05 -34.32
C GLU E 61 -26.14 -2.92 -33.03
N ARG E 62 -25.47 -2.86 -31.86
CA ARG E 62 -26.13 -2.74 -30.55
C ARG E 62 -26.52 -1.27 -30.25
N PRO E 63 -27.59 -0.99 -29.46
CA PRO E 63 -27.99 0.41 -29.23
C PRO E 63 -27.00 1.27 -28.44
N PHE E 64 -26.18 0.62 -27.59
CA PHE E 64 -25.17 1.28 -26.74
C PHE E 64 -23.84 1.59 -27.45
N PHE E 65 -23.65 1.12 -28.71
CA PHE E 65 -22.43 1.34 -29.50
C PHE E 65 -21.99 2.80 -29.53
N GLY E 66 -22.92 3.69 -29.86
CA GLY E 66 -22.69 5.13 -29.95
C GLY E 66 -22.13 5.72 -28.68
N GLY E 67 -22.78 5.38 -27.55
CA GLY E 67 -22.38 5.79 -26.21
C GLY E 67 -20.97 5.34 -25.84
N LEU E 68 -20.59 4.09 -26.21
CA LEU E 68 -19.26 3.54 -25.94
C LEU E 68 -18.20 4.29 -26.75
N VAL E 69 -18.52 4.58 -28.05
CA VAL E 69 -17.64 5.33 -28.98
C VAL E 69 -17.53 6.81 -28.58
N SER E 70 -18.62 7.42 -28.06
CA SER E 70 -18.59 8.81 -27.59
C SER E 70 -17.69 8.97 -26.37
N PHE E 71 -17.86 8.06 -25.37
CA PHE E 71 -17.11 8.11 -24.12
C PHE E 71 -15.62 7.81 -24.28
N ILE E 72 -15.25 6.77 -25.02
CA ILE E 72 -13.83 6.43 -25.18
C ILE E 72 -13.04 7.54 -25.95
N THR E 73 -13.75 8.46 -26.62
CA THR E 73 -13.08 9.55 -27.38
C THR E 73 -13.19 10.92 -26.68
N SER E 74 -13.86 10.94 -25.53
CA SER E 74 -14.11 12.14 -24.71
C SER E 74 -12.90 12.68 -23.94
N GLY E 75 -11.82 11.93 -23.87
CA GLY E 75 -10.61 12.32 -23.16
C GLY E 75 -9.45 11.34 -23.36
N PRO E 76 -8.28 11.57 -22.70
CA PRO E 76 -7.15 10.65 -22.89
C PRO E 76 -7.40 9.26 -22.36
N VAL E 77 -6.85 8.29 -23.09
CA VAL E 77 -6.91 6.87 -22.85
C VAL E 77 -5.46 6.38 -22.74
N VAL E 78 -5.17 5.46 -21.80
CA VAL E 78 -3.86 4.84 -21.70
C VAL E 78 -4.02 3.42 -22.27
N ALA E 79 -3.42 3.21 -23.44
CA ALA E 79 -3.46 1.95 -24.20
C ALA E 79 -2.24 1.14 -23.86
N MET E 80 -2.44 -0.13 -23.50
CA MET E 80 -1.32 -1.00 -23.17
C MET E 80 -1.51 -2.42 -23.67
N VAL E 81 -0.39 -3.12 -23.81
CA VAL E 81 -0.32 -4.50 -24.22
C VAL E 81 0.56 -5.24 -23.21
N PHE E 82 0.03 -6.29 -22.57
CA PHE E 82 0.73 -7.13 -21.62
C PHE E 82 0.92 -8.53 -22.19
N GLU E 83 2.07 -9.14 -21.86
CA GLU E 83 2.44 -10.47 -22.31
C GLU E 83 2.64 -11.43 -21.13
N GLY E 84 2.11 -12.63 -21.27
CA GLY E 84 2.22 -13.69 -20.27
C GLY E 84 1.31 -14.86 -20.55
N LYS E 85 1.52 -15.97 -19.80
CA LYS E 85 0.69 -17.17 -19.86
C LYS E 85 -0.72 -16.79 -19.38
N GLY E 86 -1.73 -17.12 -20.21
CA GLY E 86 -3.15 -16.88 -19.98
C GLY E 86 -3.50 -15.45 -19.63
N VAL E 87 -2.72 -14.49 -20.13
CA VAL E 87 -2.86 -13.06 -19.88
C VAL E 87 -4.26 -12.51 -20.24
N VAL E 88 -4.89 -13.01 -21.34
CA VAL E 88 -6.22 -12.57 -21.78
C VAL E 88 -7.27 -12.83 -20.68
N ALA E 89 -7.41 -14.10 -20.26
CA ALA E 89 -8.39 -14.51 -19.26
C ALA E 89 -8.08 -13.99 -17.84
N SER E 90 -6.77 -13.95 -17.49
CA SER E 90 -6.28 -13.52 -16.21
C SER E 90 -6.50 -12.02 -16.04
N ALA E 91 -6.18 -11.19 -17.06
CA ALA E 91 -6.42 -9.73 -17.00
C ALA E 91 -7.90 -9.45 -16.76
N ARG E 92 -8.79 -10.21 -17.43
CA ARG E 92 -10.23 -10.06 -17.30
C ARG E 92 -10.72 -10.34 -15.86
N LEU E 93 -10.17 -11.40 -15.24
CA LEU E 93 -10.44 -11.84 -13.87
C LEU E 93 -9.97 -10.74 -12.89
N MET E 94 -8.82 -10.13 -13.20
CA MET E 94 -8.23 -9.04 -12.43
C MET E 94 -9.09 -7.75 -12.49
N ILE E 95 -9.74 -7.50 -13.65
CA ILE E 95 -10.64 -6.36 -13.91
C ILE E 95 -11.96 -6.52 -13.11
N GLY E 96 -12.56 -7.70 -13.16
CA GLY E 96 -13.84 -8.02 -12.51
C GLY E 96 -14.91 -8.30 -13.55
N VAL E 97 -16.17 -7.93 -13.27
CA VAL E 97 -17.29 -8.17 -14.21
C VAL E 97 -17.79 -6.85 -14.82
N THR E 98 -18.70 -6.90 -15.80
CA THR E 98 -19.27 -5.70 -16.45
C THR E 98 -19.76 -4.66 -15.44
N ASN E 99 -20.55 -5.08 -14.44
CA ASN E 99 -21.05 -4.19 -13.39
C ASN E 99 -20.01 -4.14 -12.26
N PRO E 100 -19.42 -2.94 -12.01
CA PRO E 100 -18.42 -2.82 -10.96
C PRO E 100 -18.97 -3.11 -9.56
N LEU E 101 -20.28 -2.93 -9.36
CA LEU E 101 -20.97 -3.17 -8.09
C LEU E 101 -21.08 -4.65 -7.78
N ALA E 102 -21.07 -5.49 -8.83
CA ALA E 102 -21.13 -6.95 -8.72
C ALA E 102 -19.73 -7.56 -8.74
N SER E 103 -18.69 -6.76 -9.07
CA SER E 103 -17.30 -7.18 -9.12
C SER E 103 -16.79 -7.40 -7.70
N ALA E 104 -16.06 -8.49 -7.49
CA ALA E 104 -15.52 -8.87 -6.20
C ALA E 104 -14.46 -7.88 -5.67
N PRO E 105 -14.45 -7.61 -4.34
CA PRO E 105 -13.33 -6.84 -3.75
C PRO E 105 -12.02 -7.56 -4.12
N GLY E 106 -11.00 -6.79 -4.43
CA GLY E 106 -9.71 -7.32 -4.89
C GLY E 106 -9.53 -7.14 -6.37
N SER E 107 -10.64 -7.10 -7.10
CA SER E 107 -10.61 -6.82 -8.54
C SER E 107 -10.58 -5.28 -8.74
N ILE E 108 -10.10 -4.78 -9.92
CA ILE E 108 -9.99 -3.35 -10.25
C ILE E 108 -11.35 -2.62 -10.16
N ARG E 109 -12.41 -3.15 -10.86
CA ARG E 109 -13.75 -2.61 -10.82
C ARG E 109 -14.41 -2.82 -9.43
N GLY E 110 -14.12 -3.94 -8.76
CA GLY E 110 -14.62 -4.26 -7.43
C GLY E 110 -14.07 -3.35 -6.33
N ASP E 111 -12.85 -2.78 -6.56
CA ASP E 111 -12.23 -1.84 -5.66
C ASP E 111 -12.50 -0.37 -6.01
N PHE E 112 -12.66 -0.02 -7.31
CA PHE E 112 -12.78 1.39 -7.66
C PHE E 112 -14.04 1.88 -8.40
N GLY E 113 -14.85 0.97 -8.90
CA GLY E 113 -16.02 1.38 -9.69
C GLY E 113 -17.38 1.18 -9.08
N VAL E 114 -18.33 2.02 -9.50
CA VAL E 114 -19.73 1.96 -9.08
C VAL E 114 -20.70 1.91 -10.30
N ASP E 115 -20.24 2.30 -11.51
CA ASP E 115 -21.15 2.36 -12.66
C ASP E 115 -20.63 1.63 -13.88
N VAL E 116 -21.53 0.92 -14.59
CA VAL E 116 -21.25 0.19 -15.84
C VAL E 116 -20.65 1.13 -16.91
N GLY E 117 -21.18 2.35 -17.02
CA GLY E 117 -20.70 3.34 -17.97
C GLY E 117 -19.34 3.94 -17.63
N ARG E 118 -18.96 3.87 -16.35
CA ARG E 118 -17.70 4.41 -15.83
C ARG E 118 -16.95 3.22 -15.13
N ASN E 119 -16.58 2.22 -15.94
CA ASN E 119 -16.00 0.99 -15.39
C ASN E 119 -14.47 0.88 -15.58
N ILE E 120 -13.80 2.06 -15.59
CA ILE E 120 -12.35 2.34 -15.53
C ILE E 120 -11.48 1.74 -16.66
N ILE E 121 -11.60 0.46 -16.89
CA ILE E 121 -10.73 -0.29 -17.80
C ILE E 121 -11.50 -1.33 -18.64
N GLY E 122 -10.97 -1.56 -19.84
CA GLY E 122 -11.47 -2.58 -20.75
C GLY E 122 -10.34 -3.47 -21.20
N GLY E 123 -10.61 -4.76 -21.31
CA GLY E 123 -9.62 -5.73 -21.79
C GLY E 123 -10.20 -6.62 -22.88
N SER E 124 -9.34 -7.21 -23.72
CA SER E 124 -9.72 -8.12 -24.80
C SER E 124 -10.47 -9.33 -24.23
N ASP E 125 -11.55 -9.76 -24.89
CA ASP E 125 -12.34 -10.91 -24.42
C ASP E 125 -11.78 -12.26 -24.89
N SER E 126 -10.85 -12.26 -25.89
CA SER E 126 -10.24 -13.47 -26.42
C SER E 126 -8.89 -13.18 -27.07
N VAL E 127 -8.12 -14.24 -27.34
CA VAL E 127 -6.83 -14.18 -28.03
C VAL E 127 -7.04 -13.58 -29.43
N GLU E 128 -8.12 -13.96 -30.14
CA GLU E 128 -8.43 -13.45 -31.48
CA GLU E 128 -8.42 -13.45 -31.47
C GLU E 128 -8.76 -11.95 -31.42
N SER E 129 -9.59 -11.52 -30.41
CA SER E 129 -9.95 -10.11 -30.23
CA SER E 129 -9.95 -10.11 -30.23
C SER E 129 -8.71 -9.28 -29.86
N ALA E 130 -7.82 -9.88 -29.01
CA ALA E 130 -6.56 -9.26 -28.58
C ALA E 130 -5.65 -8.96 -29.76
N ASN E 131 -5.37 -9.96 -30.64
CA ASN E 131 -4.50 -9.80 -31.80
C ASN E 131 -5.00 -8.75 -32.76
N ARG E 132 -6.34 -8.63 -32.89
CA ARG E 132 -6.98 -7.62 -33.72
C ARG E 132 -6.86 -6.25 -33.06
N GLU E 133 -7.21 -6.14 -31.74
CA GLU E 133 -7.13 -4.89 -30.97
C GLU E 133 -5.71 -4.30 -30.88
N ILE E 134 -4.69 -5.16 -30.67
CA ILE E 134 -3.26 -4.79 -30.60
C ILE E 134 -2.81 -4.17 -31.93
N ALA E 135 -3.18 -4.80 -33.07
CA ALA E 135 -2.82 -4.33 -34.40
C ALA E 135 -3.53 -3.01 -34.75
N LEU E 136 -4.72 -2.81 -34.18
CA LEU E 136 -5.53 -1.62 -34.39
C LEU E 136 -5.02 -0.39 -33.63
N TRP E 137 -4.58 -0.57 -32.36
CA TRP E 137 -4.09 0.54 -31.52
C TRP E 137 -2.59 0.79 -31.64
N PHE E 138 -1.82 -0.27 -31.94
CA PHE E 138 -0.36 -0.16 -32.03
C PHE E 138 0.23 -0.54 -33.41
N LYS E 139 1.34 0.12 -33.75
CA LYS E 139 2.13 -0.17 -34.94
C LYS E 139 3.17 -1.22 -34.49
N PRO E 140 3.61 -2.15 -35.37
CA PRO E 140 4.61 -3.15 -34.94
C PRO E 140 5.87 -2.61 -34.26
N GLU E 141 6.29 -1.38 -34.64
CA GLU E 141 7.47 -0.68 -34.11
C GLU E 141 7.28 -0.29 -32.63
N GLU E 142 6.03 0.03 -32.24
CA GLU E 142 5.60 0.45 -30.89
C GLU E 142 5.53 -0.73 -29.90
N LEU E 143 5.71 -1.95 -30.39
CA LEU E 143 5.64 -3.11 -29.52
C LEU E 143 6.98 -3.77 -29.39
N LEU E 144 7.24 -4.37 -28.21
CA LEU E 144 8.52 -5.08 -27.96
C LEU E 144 8.58 -6.39 -28.75
N THR E 145 9.81 -6.80 -29.08
CA THR E 145 10.11 -8.05 -29.80
C THR E 145 10.93 -8.96 -28.87
N GLU E 146 11.90 -8.37 -28.14
CA GLU E 146 12.75 -9.06 -27.20
C GLU E 146 12.10 -9.08 -25.81
N VAL E 147 11.55 -10.25 -25.44
CA VAL E 147 10.91 -10.44 -24.12
C VAL E 147 11.59 -11.58 -23.39
N LYS E 148 12.45 -11.20 -22.42
CA LYS E 148 13.24 -12.06 -21.55
C LYS E 148 12.33 -12.86 -20.60
N PRO E 149 12.36 -14.21 -20.64
CA PRO E 149 11.49 -15.00 -19.72
C PRO E 149 12.06 -15.02 -18.30
N ASN E 150 11.23 -14.64 -17.31
CA ASN E 150 11.65 -14.62 -15.93
C ASN E 150 11.62 -16.05 -15.36
N PRO E 151 12.78 -16.60 -14.94
CA PRO E 151 12.79 -17.97 -14.39
C PRO E 151 12.12 -18.08 -13.01
N ASN E 152 11.79 -16.91 -12.42
CA ASN E 152 11.11 -16.86 -11.12
C ASN E 152 9.59 -16.88 -11.32
N LEU E 153 9.15 -16.56 -12.54
CA LEU E 153 7.74 -16.55 -12.85
C LEU E 153 7.28 -17.73 -13.69
N TYR E 154 8.21 -18.32 -14.48
CA TYR E 154 7.95 -19.48 -15.35
C TYR E 154 8.87 -20.67 -15.08
N GLU E 155 8.26 -21.86 -14.95
CA GLU E 155 8.90 -23.15 -14.73
C GLU E 155 9.67 -23.57 -16.01
N LYS F 5 -7.65 -24.05 23.72
CA LYS F 5 -8.76 -23.73 22.84
C LYS F 5 -8.42 -24.05 21.39
N VAL F 6 -9.29 -23.58 20.49
CA VAL F 6 -9.21 -23.89 19.09
C VAL F 6 -8.46 -22.80 18.35
N ASN F 7 -8.19 -21.74 19.10
CA ASN F 7 -7.40 -20.59 18.64
C ASN F 7 -5.89 -20.88 18.66
N LYS F 8 -5.49 -22.09 19.12
CA LYS F 8 -4.10 -22.53 19.22
C LYS F 8 -3.70 -23.41 18.02
N GLU F 9 -4.60 -23.51 17.00
CA GLU F 9 -4.33 -24.27 15.78
C GLU F 9 -3.10 -23.69 15.07
N ARG F 10 -2.29 -24.55 14.44
CA ARG F 10 -1.09 -24.12 13.73
C ARG F 10 -1.01 -24.62 12.30
N THR F 11 -0.36 -23.84 11.43
CA THR F 11 -0.14 -24.26 10.05
C THR F 11 1.31 -23.99 9.65
N PHE F 12 1.80 -24.77 8.72
CA PHE F 12 3.13 -24.59 8.19
C PHE F 12 3.01 -23.91 6.84
N LEU F 13 3.82 -22.86 6.62
CA LEU F 13 3.84 -22.12 5.36
C LEU F 13 5.26 -22.01 4.91
N ALA F 14 5.48 -22.17 3.60
CA ALA F 14 6.81 -22.04 3.03
C ALA F 14 6.77 -21.07 1.87
N VAL F 15 7.58 -20.01 1.93
CA VAL F 15 7.72 -19.11 0.80
C VAL F 15 8.80 -19.81 -0.03
N LYS F 16 8.41 -20.32 -1.16
CA LYS F 16 9.25 -21.11 -2.06
C LYS F 16 10.39 -20.28 -2.68
N PRO F 17 11.43 -20.91 -3.29
CA PRO F 17 12.54 -20.11 -3.85
C PRO F 17 12.14 -18.97 -4.78
N ASP F 18 11.05 -19.16 -5.54
CA ASP F 18 10.55 -18.13 -6.46
C ASP F 18 9.98 -16.94 -5.71
N GLY F 19 9.28 -17.24 -4.61
CA GLY F 19 8.70 -16.25 -3.71
C GLY F 19 9.76 -15.36 -3.11
N VAL F 20 10.86 -15.99 -2.59
CA VAL F 20 12.04 -15.37 -1.95
C VAL F 20 12.81 -14.53 -2.97
N ALA F 21 13.18 -15.12 -4.13
CA ALA F 21 13.93 -14.44 -5.21
C ALA F 21 13.20 -13.19 -5.74
N ARG F 22 11.85 -13.18 -5.71
CA ARG F 22 11.04 -12.06 -6.18
C ARG F 22 10.82 -10.96 -5.08
N GLY F 23 11.31 -11.23 -3.89
CA GLY F 23 11.22 -10.28 -2.79
C GLY F 23 9.82 -10.12 -2.25
N LEU F 24 9.10 -11.26 -2.10
CA LEU F 24 7.71 -11.30 -1.63
C LEU F 24 7.54 -11.73 -0.20
N VAL F 25 8.64 -12.00 0.52
CA VAL F 25 8.64 -12.46 1.91
C VAL F 25 7.87 -11.51 2.87
N GLY F 26 8.31 -10.25 3.02
CA GLY F 26 7.62 -9.25 3.85
C GLY F 26 6.18 -8.99 3.45
N GLU F 27 5.86 -9.00 2.13
CA GLU F 27 4.49 -8.83 1.62
C GLU F 27 3.57 -9.94 2.18
N ILE F 28 4.04 -11.21 2.05
CA ILE F 28 3.36 -12.43 2.51
C ILE F 28 3.19 -12.37 4.05
N ILE F 29 4.28 -12.19 4.81
CA ILE F 29 4.25 -12.10 6.29
C ILE F 29 3.26 -11.05 6.77
N ALA F 30 3.27 -9.81 6.15
CA ALA F 30 2.34 -8.71 6.46
C ALA F 30 0.85 -9.13 6.35
N ARG F 31 0.51 -9.87 5.27
CA ARG F 31 -0.84 -10.38 5.05
C ARG F 31 -1.33 -11.26 6.20
N TYR F 32 -0.48 -12.21 6.70
CA TYR F 32 -0.88 -13.09 7.80
C TYR F 32 -0.92 -12.35 9.13
N GLU F 33 -0.02 -11.39 9.33
CA GLU F 33 0.02 -10.53 10.53
C GLU F 33 -1.23 -9.63 10.61
N LYS F 34 -1.63 -9.00 9.47
CA LYS F 34 -2.83 -8.12 9.39
C LYS F 34 -4.11 -8.88 9.73
N LYS F 35 -4.17 -10.16 9.33
CA LYS F 35 -5.27 -11.07 9.54
C LYS F 35 -5.50 -11.35 11.02
N GLY F 36 -4.42 -11.38 11.80
CA GLY F 36 -4.49 -11.66 13.24
C GLY F 36 -3.79 -12.95 13.62
N PHE F 37 -3.19 -13.64 12.63
CA PHE F 37 -2.45 -14.88 12.90
C PHE F 37 -1.08 -14.54 13.49
N VAL F 38 -0.69 -15.29 14.54
CA VAL F 38 0.54 -15.07 15.30
C VAL F 38 1.69 -15.92 14.73
N LEU F 39 2.83 -15.28 14.42
CA LEU F 39 4.01 -15.98 13.92
C LEU F 39 4.68 -16.68 15.11
N VAL F 40 4.71 -18.04 15.09
CA VAL F 40 5.27 -18.81 16.21
C VAL F 40 6.61 -19.47 15.81
N GLY F 41 6.97 -19.38 14.54
CA GLY F 41 8.20 -19.94 14.04
C GLY F 41 8.57 -19.28 12.74
N LEU F 42 9.87 -18.97 12.55
CA LEU F 42 10.34 -18.33 11.33
C LEU F 42 11.80 -18.60 11.08
N LYS F 43 12.15 -18.96 9.83
CA LYS F 43 13.54 -19.17 9.44
C LYS F 43 13.74 -19.20 7.95
N GLN F 44 14.92 -18.79 7.51
CA GLN F 44 15.34 -18.89 6.11
C GLN F 44 16.37 -20.00 6.06
N LEU F 45 16.29 -20.87 5.05
CA LEU F 45 17.19 -22.01 4.85
C LEU F 45 17.16 -22.46 3.39
N VAL F 46 18.20 -23.17 2.95
CA VAL F 46 18.20 -23.82 1.64
C VAL F 46 17.87 -25.28 1.98
N PRO F 47 16.67 -25.80 1.62
CA PRO F 47 16.31 -27.18 2.03
C PRO F 47 17.16 -28.25 1.39
N THR F 48 17.44 -29.30 2.17
CA THR F 48 18.19 -30.48 1.71
C THR F 48 17.22 -31.39 0.96
N LYS F 49 17.75 -32.25 0.06
CA LYS F 49 16.98 -33.22 -0.71
C LYS F 49 16.14 -34.12 0.23
N ASP F 50 16.71 -34.49 1.39
CA ASP F 50 16.05 -35.30 2.41
CA ASP F 50 16.00 -35.34 2.33
C ASP F 50 14.79 -34.63 2.96
N LEU F 51 14.92 -33.33 3.35
CA LEU F 51 13.82 -32.51 3.90
C LEU F 51 12.74 -32.31 2.80
N ALA F 52 13.18 -32.02 1.56
CA ALA F 52 12.35 -31.83 0.37
C ALA F 52 11.49 -33.06 0.06
N GLU F 53 12.13 -34.26 0.05
CA GLU F 53 11.44 -35.52 -0.25
C GLU F 53 10.44 -35.86 0.84
N SER F 54 10.82 -35.66 2.12
CA SER F 54 9.94 -35.91 3.28
CA SER F 54 9.94 -35.92 3.26
C SER F 54 8.75 -34.96 3.26
N HIS F 55 8.99 -33.66 2.87
CA HIS F 55 7.97 -32.62 2.79
C HIS F 55 6.92 -32.98 1.72
N TYR F 56 7.39 -33.35 0.53
CA TYR F 56 6.55 -33.70 -0.61
C TYR F 56 6.19 -35.21 -0.71
N ALA F 57 6.32 -35.98 0.40
CA ALA F 57 6.05 -37.44 0.48
C ALA F 57 4.71 -37.90 -0.12
N GLU F 58 3.61 -37.16 0.11
CA GLU F 58 2.27 -37.52 -0.40
C GLU F 58 2.23 -37.66 -1.93
N HIS F 59 3.20 -37.04 -2.65
CA HIS F 59 3.29 -37.09 -4.11
C HIS F 59 4.48 -37.91 -4.61
N LYS F 60 5.16 -38.67 -3.71
CA LYS F 60 6.37 -39.47 -4.02
C LYS F 60 6.25 -40.40 -5.23
N GLU F 61 5.02 -40.80 -5.62
CA GLU F 61 4.82 -41.69 -6.77
C GLU F 61 4.30 -40.97 -8.03
N ARG F 62 4.03 -39.64 -7.92
CA ARG F 62 3.55 -38.81 -9.02
C ARG F 62 4.72 -38.40 -9.95
N PRO F 63 4.48 -38.15 -11.27
CA PRO F 63 5.60 -37.81 -12.18
C PRO F 63 6.30 -36.47 -11.92
N PHE F 64 5.58 -35.52 -11.31
CA PHE F 64 6.08 -34.18 -10.98
C PHE F 64 6.88 -34.10 -9.67
N PHE F 65 6.90 -35.19 -8.86
CA PHE F 65 7.62 -35.25 -7.57
C PHE F 65 9.08 -34.75 -7.66
N GLY F 66 9.83 -35.26 -8.64
CA GLY F 66 11.23 -34.90 -8.88
C GLY F 66 11.44 -33.42 -9.06
N GLY F 67 10.60 -32.84 -9.93
CA GLY F 67 10.58 -31.41 -10.23
C GLY F 67 10.31 -30.56 -9.00
N LEU F 68 9.37 -30.98 -8.12
CA LEU F 68 9.02 -30.27 -6.87
C LEU F 68 10.19 -30.28 -5.92
N VAL F 69 10.89 -31.43 -5.82
CA VAL F 69 12.05 -31.62 -4.96
C VAL F 69 13.22 -30.78 -5.49
N SER F 70 13.49 -30.84 -6.82
CA SER F 70 14.55 -30.05 -7.47
C SER F 70 14.38 -28.54 -7.23
N PHE F 71 13.16 -28.02 -7.43
CA PHE F 71 12.86 -26.61 -7.27
C PHE F 71 12.93 -26.12 -5.83
N ILE F 72 12.33 -26.82 -4.86
CA ILE F 72 12.35 -26.35 -3.48
C ILE F 72 13.78 -26.34 -2.89
N THR F 73 14.74 -27.05 -3.52
CA THR F 73 16.15 -27.12 -3.05
C THR F 73 17.07 -26.21 -3.83
N SER F 74 16.56 -25.58 -4.91
CA SER F 74 17.29 -24.70 -5.84
C SER F 74 17.71 -23.33 -5.27
N GLY F 75 17.18 -22.95 -4.10
CA GLY F 75 17.50 -21.67 -3.48
C GLY F 75 16.90 -21.51 -2.11
N PRO F 76 17.11 -20.34 -1.44
CA PRO F 76 16.54 -20.15 -0.10
C PRO F 76 15.02 -20.16 -0.06
N VAL F 77 14.50 -20.68 1.04
CA VAL F 77 13.09 -20.84 1.35
C VAL F 77 12.87 -20.17 2.71
N VAL F 78 11.75 -19.45 2.89
CA VAL F 78 11.40 -18.84 4.17
C VAL F 78 10.26 -19.71 4.75
N ALA F 79 10.59 -20.47 5.80
CA ALA F 79 9.71 -21.40 6.49
C ALA F 79 9.10 -20.70 7.65
N MET F 80 7.78 -20.82 7.79
CA MET F 80 7.09 -20.18 8.91
C MET F 80 5.92 -20.99 9.43
N VAL F 81 5.56 -20.72 10.69
CA VAL F 81 4.47 -21.35 11.38
C VAL F 81 3.62 -20.24 11.97
N PHE F 82 2.31 -20.25 11.64
CA PHE F 82 1.34 -19.28 12.15
C PHE F 82 0.30 -19.98 13.01
N GLU F 83 -0.14 -19.29 14.06
CA GLU F 83 -1.11 -19.80 15.01
C GLU F 83 -2.38 -18.93 15.06
N GLY F 84 -3.53 -19.59 15.13
CA GLY F 84 -4.83 -18.94 15.21
C GLY F 84 -5.99 -19.85 14.85
N LYS F 85 -7.22 -19.41 15.17
CA LYS F 85 -8.45 -20.15 14.87
C LYS F 85 -8.57 -20.39 13.36
N GLY F 86 -8.75 -21.65 12.97
CA GLY F 86 -8.91 -22.09 11.59
C GLY F 86 -7.82 -21.67 10.65
N VAL F 87 -6.60 -21.48 11.17
CA VAL F 87 -5.42 -20.98 10.44
C VAL F 87 -5.07 -21.85 9.23
N VAL F 88 -5.28 -23.20 9.29
CA VAL F 88 -4.96 -24.10 8.19
C VAL F 88 -5.77 -23.77 6.94
N ALA F 89 -7.11 -23.79 7.06
CA ALA F 89 -8.05 -23.52 5.95
C ALA F 89 -7.98 -22.05 5.51
N SER F 90 -7.92 -21.13 6.48
CA SER F 90 -7.84 -19.68 6.24
C SER F 90 -6.54 -19.31 5.46
N ALA F 91 -5.38 -19.89 5.85
CA ALA F 91 -4.10 -19.62 5.20
C ALA F 91 -4.11 -20.06 3.75
N ARG F 92 -4.82 -21.17 3.45
CA ARG F 92 -5.01 -21.73 2.11
C ARG F 92 -5.89 -20.83 1.23
N LEU F 93 -6.97 -20.30 1.82
CA LEU F 93 -7.91 -19.36 1.19
C LEU F 93 -7.17 -18.05 0.81
N MET F 94 -6.25 -17.61 1.69
CA MET F 94 -5.43 -16.43 1.50
C MET F 94 -4.39 -16.61 0.36
N ILE F 95 -3.91 -17.83 0.14
CA ILE F 95 -2.94 -18.24 -0.88
C ILE F 95 -3.59 -18.27 -2.24
N GLY F 96 -4.80 -18.87 -2.32
CA GLY F 96 -5.55 -19.03 -3.56
C GLY F 96 -5.64 -20.50 -3.94
N VAL F 97 -5.61 -20.79 -5.26
CA VAL F 97 -5.73 -22.18 -5.74
C VAL F 97 -4.43 -22.65 -6.39
N THR F 98 -4.31 -23.94 -6.73
CA THR F 98 -3.11 -24.52 -7.36
C THR F 98 -2.60 -23.67 -8.54
N ASN F 99 -3.49 -23.33 -9.48
CA ASN F 99 -3.15 -22.50 -10.64
C ASN F 99 -3.30 -21.03 -10.25
N PRO F 100 -2.17 -20.27 -10.25
CA PRO F 100 -2.25 -18.85 -9.86
C PRO F 100 -3.10 -18.00 -10.80
N LEU F 101 -3.25 -18.44 -12.09
CA LEU F 101 -4.06 -17.75 -13.08
C LEU F 101 -5.55 -17.89 -12.79
N ALA F 102 -5.94 -18.93 -12.08
CA ALA F 102 -7.33 -19.18 -11.66
C ALA F 102 -7.59 -18.63 -10.24
N SER F 103 -6.53 -18.27 -9.52
CA SER F 103 -6.64 -17.70 -8.16
C SER F 103 -7.23 -16.28 -8.24
N ALA F 104 -8.14 -16.00 -7.31
CA ALA F 104 -8.86 -14.74 -7.25
C ALA F 104 -7.98 -13.55 -6.92
N PRO F 105 -8.19 -12.36 -7.55
CA PRO F 105 -7.46 -11.15 -7.10
C PRO F 105 -7.75 -10.95 -5.58
N GLY F 106 -6.73 -10.57 -4.84
CA GLY F 106 -6.81 -10.45 -3.38
C GLY F 106 -6.09 -11.60 -2.71
N SER F 107 -5.95 -12.77 -3.41
CA SER F 107 -5.19 -13.92 -2.88
C SER F 107 -3.70 -13.72 -3.25
N ILE F 108 -2.69 -14.35 -2.52
CA ILE F 108 -1.25 -14.24 -2.81
C ILE F 108 -0.93 -14.66 -4.28
N ARG F 109 -1.36 -15.87 -4.69
CA ARG F 109 -1.18 -16.39 -6.05
C ARG F 109 -1.99 -15.59 -7.07
N GLY F 110 -3.19 -15.16 -6.69
CA GLY F 110 -4.04 -14.36 -7.57
C GLY F 110 -3.41 -13.02 -7.95
N ASP F 111 -2.76 -12.38 -6.96
CA ASP F 111 -2.07 -11.11 -7.11
C ASP F 111 -0.65 -11.20 -7.72
N PHE F 112 0.10 -12.30 -7.47
CA PHE F 112 1.51 -12.34 -7.88
C PHE F 112 1.97 -13.48 -8.80
N GLY F 113 1.16 -14.53 -8.97
CA GLY F 113 1.59 -15.69 -9.75
C GLY F 113 0.94 -15.90 -11.11
N VAL F 114 1.67 -16.54 -12.03
CA VAL F 114 1.23 -16.90 -13.38
C VAL F 114 1.38 -18.41 -13.70
N ASP F 115 2.25 -19.13 -12.96
CA ASP F 115 2.55 -20.54 -13.26
C ASP F 115 2.42 -21.44 -12.07
N VAL F 116 1.89 -22.65 -12.29
CA VAL F 116 1.71 -23.71 -11.29
C VAL F 116 3.08 -24.08 -10.66
N GLY F 117 4.12 -24.15 -11.50
CA GLY F 117 5.48 -24.47 -11.06
C GLY F 117 6.18 -23.37 -10.27
N ARG F 118 5.70 -22.11 -10.42
CA ARG F 118 6.22 -20.93 -9.75
C ARG F 118 5.05 -20.28 -8.98
N ASN F 119 4.51 -20.98 -8.00
CA ASN F 119 3.32 -20.54 -7.31
C ASN F 119 3.58 -19.97 -5.90
N ILE F 120 4.80 -19.40 -5.71
CA ILE F 120 5.28 -18.54 -4.63
C ILE F 120 5.30 -19.15 -3.23
N ILE F 121 4.17 -19.65 -2.78
CA ILE F 121 3.98 -20.13 -1.42
C ILE F 121 3.19 -21.45 -1.37
N GLY F 122 3.47 -22.25 -0.36
CA GLY F 122 2.78 -23.49 -0.09
C GLY F 122 2.35 -23.51 1.35
N GLY F 123 1.19 -24.05 1.61
CA GLY F 123 0.65 -24.17 2.96
C GLY F 123 0.12 -25.57 3.20
N SER F 124 0.03 -25.96 4.49
CA SER F 124 -0.47 -27.28 4.90
C SER F 124 -1.92 -27.46 4.44
N ASP F 125 -2.24 -28.66 3.89
CA ASP F 125 -3.60 -28.93 3.39
C ASP F 125 -4.58 -29.38 4.51
N SER F 126 -4.05 -29.74 5.69
CA SER F 126 -4.86 -30.20 6.83
C SER F 126 -4.10 -30.03 8.14
N VAL F 127 -4.83 -30.13 9.28
CA VAL F 127 -4.26 -30.05 10.62
C VAL F 127 -3.24 -31.18 10.79
N GLU F 128 -3.55 -32.40 10.29
CA GLU F 128 -2.64 -33.55 10.36
CA GLU F 128 -2.64 -33.54 10.37
C GLU F 128 -1.36 -33.32 9.55
N SER F 129 -1.49 -32.76 8.30
CA SER F 129 -0.33 -32.46 7.46
CA SER F 129 -0.33 -32.46 7.46
C SER F 129 0.52 -31.34 8.09
N ALA F 130 -0.16 -30.34 8.73
CA ALA F 130 0.47 -29.22 9.42
C ALA F 130 1.37 -29.70 10.56
N ASN F 131 0.81 -30.54 11.47
CA ASN F 131 1.54 -31.07 12.62
C ASN F 131 2.77 -31.88 12.20
N ARG F 132 2.67 -32.59 11.07
CA ARG F 132 3.77 -33.37 10.49
C ARG F 132 4.82 -32.43 9.89
N GLU F 133 4.36 -31.45 9.06
CA GLU F 133 5.25 -30.47 8.40
C GLU F 133 6.02 -29.59 9.39
N ILE F 134 5.35 -29.12 10.46
CA ILE F 134 5.91 -28.29 11.54
C ILE F 134 7.05 -29.04 12.23
N ALA F 135 6.82 -30.34 12.58
CA ALA F 135 7.81 -31.17 13.25
C ALA F 135 9.03 -31.44 12.35
N LEU F 136 8.78 -31.55 11.04
CA LEU F 136 9.80 -31.80 10.03
C LEU F 136 10.73 -30.60 9.78
N TRP F 137 10.17 -29.37 9.69
CA TRP F 137 10.95 -28.16 9.42
C TRP F 137 11.48 -27.48 10.67
N PHE F 138 10.76 -27.58 11.80
CA PHE F 138 11.14 -26.90 13.05
C PHE F 138 11.40 -27.82 14.24
N LYS F 139 12.33 -27.39 15.11
CA LYS F 139 12.67 -28.06 16.36
C LYS F 139 11.79 -27.43 17.41
N PRO F 140 11.36 -28.16 18.48
CA PRO F 140 10.48 -27.53 19.50
C PRO F 140 10.98 -26.21 20.10
N GLU F 141 12.30 -26.05 20.17
CA GLU F 141 12.99 -24.86 20.72
C GLU F 141 12.78 -23.63 19.82
N GLU F 142 12.66 -23.85 18.49
CA GLU F 142 12.45 -22.84 17.44
C GLU F 142 11.01 -22.32 17.39
N LEU F 143 10.10 -22.89 18.20
CA LEU F 143 8.68 -22.51 18.24
C LEU F 143 8.28 -21.86 19.54
N LEU F 144 7.47 -20.79 19.47
CA LEU F 144 6.97 -20.08 20.65
C LEU F 144 6.04 -20.98 21.44
N THR F 145 6.08 -20.86 22.77
CA THR F 145 5.22 -21.65 23.65
C THR F 145 4.24 -20.71 24.34
N GLU F 146 4.71 -19.51 24.70
CA GLU F 146 3.91 -18.47 25.34
C GLU F 146 3.23 -17.61 24.26
N VAL F 147 1.92 -17.86 24.03
CA VAL F 147 1.13 -17.11 23.05
C VAL F 147 -0.11 -16.53 23.76
N LYS F 148 -0.02 -15.25 24.13
CA LYS F 148 -1.10 -14.53 24.80
C LYS F 148 -2.17 -14.16 23.76
N PRO F 149 -3.45 -14.56 23.99
CA PRO F 149 -4.50 -14.25 22.98
C PRO F 149 -4.88 -12.77 22.94
N ASN F 150 -4.93 -12.20 21.72
CA ASN F 150 -5.30 -10.81 21.51
C ASN F 150 -6.81 -10.61 21.77
N PRO F 151 -7.21 -9.79 22.77
CA PRO F 151 -8.65 -9.62 23.05
C PRO F 151 -9.39 -8.81 21.99
N ASN F 152 -8.62 -8.22 21.05
CA ASN F 152 -9.17 -7.47 19.92
C ASN F 152 -9.46 -8.40 18.76
N LEU F 153 -8.83 -9.57 18.74
CA LEU F 153 -9.04 -10.55 17.69
C LEU F 153 -9.91 -11.74 18.09
N TYR F 154 -9.98 -12.05 19.41
CA TYR F 154 -10.77 -13.17 19.93
C TYR F 154 -11.70 -12.74 21.05
N GLU F 155 -12.95 -13.21 20.99
CA GLU F 155 -13.98 -12.92 22.02
C GLU F 155 -13.69 -13.71 23.31
#